data_7NMJ
#
_entry.id   7NMJ
#
_cell.length_a   88.784
_cell.length_b   78.849
_cell.length_c   112.139
_cell.angle_alpha   90.000
_cell.angle_beta   109.392
_cell.angle_gamma   90.000
#
_symmetry.space_group_name_H-M   'P 1 21 1'
#
loop_
_entity.id
_entity.type
_entity.pdbx_description
1 polymer 'PPK2 domain-containing protein'
2 non-polymer "ADENOSINE-5'-DIPHOSPHATE"
3 non-polymer GLYCEROL
4 non-polymer 'PHOSPHATE ION'
5 non-polymer 'MAGNESIUM ION'
6 water water
#
_entity_poly.entity_id   1
_entity_poly.type   'polypeptide(L)'
_entity_poly.pdbx_seq_one_letter_code
;MDIDNYRVKPGKRVKLSDWATNDDAGLSKEEGQAQTAKLAGELAEWQERLYAEGKQSLLLILQARDAAGKDGAVKKVIGA
FNPAGVQITSFKQPSAEELSHDFLWRIHQKAPAKGYVGVFNRSQYEDVLVTRVYDMIDDKTAKRRLEHIRHFEELLTDNA
TRIVKVYLHISPEEQKERLQARLDNPGKHWKFNPGDLKDRSNWDKFNDVYEDALTTSTDDAPWYVVPADRKWYRDLVLSH
ILLGALKDMNPQFPAIDYDPSKVVIH
;
_entity_poly.pdbx_strand_id   A,B,C,D
#
loop_
_chem_comp.id
_chem_comp.type
_chem_comp.name
_chem_comp.formula
ADP non-polymer ADENOSINE-5'-DIPHOSPHATE 'C10 H15 N5 O10 P2'
GOL non-polymer GLYCEROL 'C3 H8 O3'
MG non-polymer 'MAGNESIUM ION' 'Mg 2'
PO4 non-polymer 'PHOSPHATE ION' 'O4 P -3'
#
# COMPACT_ATOMS: atom_id res chain seq x y z
N MET A 1 35.30 2.39 -26.96
CA MET A 1 34.06 2.51 -26.15
C MET A 1 34.39 2.91 -24.72
N ASP A 2 34.92 1.94 -23.96
CA ASP A 2 35.16 2.07 -22.52
C ASP A 2 34.04 2.82 -21.81
N ILE A 3 33.21 2.08 -21.07
CA ILE A 3 32.13 2.69 -20.31
C ILE A 3 32.62 3.39 -19.05
N ASP A 4 33.80 3.02 -18.54
CA ASP A 4 34.27 3.55 -17.27
C ASP A 4 34.67 5.01 -17.35
N ASN A 5 34.89 5.55 -18.56
CA ASN A 5 35.13 6.97 -18.70
C ASN A 5 33.90 7.79 -18.30
N TYR A 6 32.71 7.18 -18.36
CA TYR A 6 31.47 7.85 -18.01
C TYR A 6 31.07 7.68 -16.55
N ARG A 7 31.86 7.00 -15.74
CA ARG A 7 31.53 6.76 -14.34
C ARG A 7 32.19 7.81 -13.46
N VAL A 8 31.39 8.45 -12.61
CA VAL A 8 31.89 9.39 -11.61
C VAL A 8 32.67 8.59 -10.58
N LYS A 9 33.98 8.82 -10.51
CA LYS A 9 34.83 8.05 -9.61
C LYS A 9 34.59 8.46 -8.15
N PRO A 10 34.73 7.52 -7.21
CA PRO A 10 34.40 7.83 -5.81
C PRO A 10 35.30 8.91 -5.23
N GLY A 11 34.69 9.79 -4.44
CA GLY A 11 35.44 10.74 -3.63
C GLY A 11 35.93 11.98 -4.34
N LYS A 12 35.74 12.08 -5.65
CA LYS A 12 36.27 13.18 -6.44
C LYS A 12 35.13 14.05 -6.94
N ARG A 13 35.26 15.36 -6.76
CA ARG A 13 34.24 16.29 -7.24
C ARG A 13 34.39 16.50 -8.74
N VAL A 14 33.26 16.73 -9.41
CA VAL A 14 33.22 16.81 -10.87
C VAL A 14 32.45 18.03 -11.32
N LYS A 15 32.71 18.43 -12.56
CA LYS A 15 31.92 19.41 -13.30
C LYS A 15 31.37 18.76 -14.55
N LEU A 16 30.05 18.87 -14.75
CA LEU A 16 29.43 18.23 -15.91
C LEU A 16 30.06 18.73 -17.22
N SER A 17 30.53 19.98 -17.23
CA SER A 17 31.14 20.54 -18.44
C SER A 17 32.33 19.73 -18.92
N ASP A 18 32.93 18.91 -18.06
CA ASP A 18 34.10 18.14 -18.46
C ASP A 18 33.75 16.97 -19.37
N TRP A 19 32.46 16.69 -19.57
CA TRP A 19 32.00 15.59 -20.40
C TRP A 19 31.38 16.12 -21.68
N ALA A 20 31.70 15.49 -22.81
CA ALA A 20 31.06 15.83 -24.06
C ALA A 20 29.63 15.30 -24.07
N THR A 21 28.77 15.95 -24.87
CA THR A 21 27.37 15.56 -24.92
C THR A 21 27.04 14.69 -26.13
N ASN A 22 27.93 14.59 -27.12
CA ASN A 22 27.60 13.96 -28.38
C ASN A 22 28.67 12.96 -28.79
N ASP A 23 29.19 12.21 -27.84
CA ASP A 23 30.12 11.13 -28.16
C ASP A 23 29.43 10.09 -29.04
N ASP A 24 30.25 9.33 -29.79
CA ASP A 24 29.74 8.23 -30.59
C ASP A 24 30.69 7.04 -30.66
N ALA A 25 31.86 7.10 -30.04
CA ALA A 25 32.80 5.98 -30.02
C ALA A 25 33.24 5.58 -31.42
N GLY A 26 33.19 6.52 -32.36
CA GLY A 26 33.55 6.23 -33.73
C GLY A 26 32.58 5.30 -34.44
N LEU A 27 31.31 5.31 -34.05
CA LEU A 27 30.28 4.47 -34.66
C LEU A 27 29.26 5.32 -35.40
N SER A 28 28.74 4.76 -36.49
CA SER A 28 27.62 5.37 -37.18
C SER A 28 26.32 5.06 -36.45
N LYS A 29 25.28 5.80 -36.78
CA LYS A 29 23.97 5.51 -36.20
C LYS A 29 23.55 4.07 -36.49
N GLU A 30 23.90 3.58 -37.68
CA GLU A 30 23.46 2.25 -38.08
C GLU A 30 24.25 1.17 -37.34
N GLU A 31 25.58 1.31 -37.29
CA GLU A 31 26.38 0.35 -36.54
C GLU A 31 26.02 0.37 -35.06
N GLY A 32 25.67 1.54 -34.54
CA GLY A 32 25.24 1.62 -33.15
C GLY A 32 23.89 0.94 -32.93
N GLN A 33 22.89 1.33 -33.72
CA GLN A 33 21.58 0.70 -33.59
C GLN A 33 21.71 -0.81 -33.70
N ALA A 34 22.57 -1.28 -34.61
CA ALA A 34 22.79 -2.71 -34.75
C ALA A 34 23.35 -3.30 -33.46
N GLN A 35 24.30 -2.61 -32.83
CA GLN A 35 24.84 -3.10 -31.56
C GLN A 35 23.78 -3.08 -30.46
N THR A 36 22.95 -2.03 -30.42
CA THR A 36 21.90 -1.98 -29.41
C THR A 36 20.91 -3.13 -29.59
N ALA A 37 20.62 -3.50 -30.83
CA ALA A 37 19.70 -4.60 -31.07
C ALA A 37 20.32 -5.95 -30.69
N LYS A 38 21.61 -6.13 -30.98
CA LYS A 38 22.26 -7.39 -30.67
C LYS A 38 22.30 -7.61 -29.16
N LEU A 39 22.49 -6.53 -28.39
CA LEU A 39 22.56 -6.61 -26.93
C LEU A 39 21.21 -6.83 -26.28
N ALA A 40 20.13 -6.41 -26.93
CA ALA A 40 18.80 -6.58 -26.35
C ALA A 40 18.53 -8.05 -26.01
N GLY A 41 19.03 -8.96 -26.85
CA GLY A 41 18.84 -10.38 -26.57
C GLY A 41 19.61 -10.85 -25.35
N GLU A 42 20.84 -10.35 -25.17
CA GLU A 42 21.61 -10.72 -24.00
C GLU A 42 20.96 -10.16 -22.73
N LEU A 43 20.50 -8.91 -22.76
CA LEU A 43 19.79 -8.36 -21.62
C LEU A 43 18.62 -9.25 -21.21
N ALA A 44 17.94 -9.82 -22.20
CA ALA A 44 16.78 -10.65 -21.91
C ALA A 44 17.20 -11.98 -21.29
N GLU A 45 18.24 -12.61 -21.84
CA GLU A 45 18.67 -13.89 -21.31
C GLU A 45 19.07 -13.77 -19.84
N TRP A 46 19.75 -12.68 -19.48
CA TRP A 46 20.20 -12.50 -18.11
C TRP A 46 19.09 -12.01 -17.19
N GLN A 47 18.15 -11.23 -17.70
CA GLN A 47 17.01 -10.83 -16.88
C GLN A 47 16.12 -12.02 -16.53
N GLU A 48 16.03 -13.01 -17.41
CA GLU A 48 15.29 -14.23 -17.07
C GLU A 48 16.00 -15.00 -15.97
N ARG A 49 17.34 -15.11 -16.06
CA ARG A 49 18.09 -15.81 -15.02
C ARG A 49 18.01 -15.08 -13.69
N LEU A 50 18.03 -13.75 -13.70
CA LEU A 50 17.87 -13.00 -12.47
C LEU A 50 16.52 -13.29 -11.82
N TYR A 51 15.46 -13.32 -12.63
CA TYR A 51 14.13 -13.60 -12.11
C TYR A 51 14.00 -15.06 -11.68
N ALA A 52 14.63 -15.97 -12.43
CA ALA A 52 14.58 -17.38 -12.07
C ALA A 52 15.27 -17.65 -10.75
N GLU A 53 16.41 -17.00 -10.50
CA GLU A 53 17.17 -17.26 -9.29
C GLU A 53 16.46 -16.69 -8.06
N GLY A 54 15.95 -15.47 -8.16
CA GLY A 54 15.19 -14.89 -7.07
C GLY A 54 15.99 -14.51 -5.84
N LYS A 55 17.25 -14.10 -6.02
CA LYS A 55 18.09 -13.72 -4.90
C LYS A 55 18.57 -12.28 -4.96
N GLN A 56 18.69 -11.69 -6.14
CA GLN A 56 19.22 -10.35 -6.31
C GLN A 56 18.19 -9.48 -6.99
N SER A 57 18.53 -8.19 -7.13
CA SER A 57 17.68 -7.25 -7.84
C SER A 57 18.54 -6.15 -8.42
N LEU A 58 18.00 -5.48 -9.43
CA LEU A 58 18.69 -4.42 -10.15
C LEU A 58 17.86 -3.15 -10.10
N LEU A 59 18.48 -2.05 -9.71
CA LEU A 59 17.79 -0.76 -9.58
C LEU A 59 18.46 0.27 -10.47
N LEU A 60 17.72 0.75 -11.47
CA LEU A 60 18.18 1.82 -12.34
C LEU A 60 17.53 3.11 -11.89
N ILE A 61 18.34 4.13 -11.64
CA ILE A 61 17.87 5.45 -11.25
C ILE A 61 18.14 6.38 -12.43
N LEU A 62 17.08 6.89 -13.03
CA LEU A 62 17.18 7.76 -14.20
C LEU A 62 16.94 9.22 -13.79
N GLN A 63 17.91 10.07 -14.06
CA GLN A 63 17.78 11.51 -13.83
C GLN A 63 18.21 12.23 -15.10
N ALA A 64 17.43 13.23 -15.51
CA ALA A 64 17.74 13.96 -16.73
C ALA A 64 16.80 15.14 -16.88
N ARG A 65 17.20 16.07 -17.75
CA ARG A 65 16.45 17.30 -17.97
C ARG A 65 15.39 17.08 -19.05
N ASP A 66 14.62 18.13 -19.33
CA ASP A 66 13.54 18.01 -20.29
C ASP A 66 14.09 17.69 -21.69
N ALA A 67 13.45 16.74 -22.35
CA ALA A 67 13.80 16.32 -23.70
C ALA A 67 15.16 15.64 -23.78
N ALA A 68 15.67 15.13 -22.66
CA ALA A 68 16.98 14.50 -22.63
C ALA A 68 16.93 13.03 -23.01
N GLY A 69 15.80 12.35 -22.79
CA GLY A 69 15.65 10.98 -23.24
C GLY A 69 15.23 9.98 -22.17
N LYS A 70 14.62 10.44 -21.07
CA LYS A 70 14.15 9.50 -20.06
C LYS A 70 13.16 8.50 -20.66
N ASP A 71 12.08 9.00 -21.27
CA ASP A 71 11.06 8.10 -21.79
C ASP A 71 11.62 7.20 -22.90
N GLY A 72 12.47 7.75 -23.77
CA GLY A 72 12.97 6.97 -24.88
C GLY A 72 13.94 5.88 -24.46
N ALA A 73 14.74 6.14 -23.42
CA ALA A 73 15.65 5.13 -22.90
C ALA A 73 14.88 3.96 -22.31
N VAL A 74 13.78 4.24 -21.61
CA VAL A 74 12.96 3.18 -21.02
C VAL A 74 12.29 2.36 -22.13
N LYS A 75 11.66 3.03 -23.09
CA LYS A 75 10.95 2.31 -24.14
C LYS A 75 11.88 1.42 -24.95
N LYS A 76 13.13 1.86 -25.15
CA LYS A 76 14.06 1.17 -26.04
C LYS A 76 14.89 0.14 -25.28
N VAL A 77 15.47 0.53 -24.15
CA VAL A 77 16.39 -0.34 -23.43
C VAL A 77 15.63 -1.22 -22.46
N ILE A 78 14.87 -0.60 -21.55
CA ILE A 78 14.10 -1.37 -20.58
C ILE A 78 13.04 -2.21 -21.28
N GLY A 79 12.63 -1.82 -22.49
CA GLY A 79 11.69 -2.61 -23.26
C GLY A 79 12.23 -3.96 -23.69
N ALA A 80 13.54 -4.18 -23.55
CA ALA A 80 14.13 -5.47 -23.91
C ALA A 80 13.74 -6.56 -22.92
N PHE A 81 13.48 -6.17 -21.66
CA PHE A 81 13.18 -7.13 -20.61
C PHE A 81 11.76 -7.67 -20.76
N ASN A 82 11.54 -8.83 -20.17
CA ASN A 82 10.19 -9.35 -20.00
C ASN A 82 9.46 -8.42 -19.03
N PRO A 83 8.38 -7.75 -19.44
CA PRO A 83 7.75 -6.78 -18.53
C PRO A 83 7.28 -7.39 -17.22
N ALA A 84 7.18 -8.72 -17.13
CA ALA A 84 6.76 -9.37 -15.90
C ALA A 84 7.85 -9.37 -14.83
N GLY A 85 9.10 -9.13 -15.21
CA GLY A 85 10.18 -9.09 -14.26
C GLY A 85 10.73 -7.68 -14.08
N VAL A 86 9.91 -6.68 -14.38
CA VAL A 86 10.33 -5.29 -14.33
C VAL A 86 9.29 -4.48 -13.58
N GLN A 87 9.75 -3.41 -12.92
CA GLN A 87 8.88 -2.49 -12.20
C GLN A 87 9.40 -1.08 -12.42
N ILE A 88 8.58 -0.24 -13.07
CA ILE A 88 8.96 1.13 -13.41
C ILE A 88 8.10 2.09 -12.61
N THR A 89 8.72 3.16 -12.11
CA THR A 89 8.02 4.17 -11.33
C THR A 89 8.50 5.55 -11.73
N SER A 90 7.56 6.43 -12.06
CA SER A 90 7.86 7.81 -12.46
C SER A 90 7.43 8.73 -11.32
N PHE A 91 8.40 9.25 -10.58
CA PHE A 91 8.11 10.08 -9.42
C PHE A 91 7.81 11.52 -9.88
N LYS A 92 6.59 11.97 -9.59
CA LYS A 92 6.15 13.33 -9.88
C LYS A 92 6.04 14.13 -8.56
N GLN A 93 5.30 15.22 -8.60
CA GLN A 93 5.20 16.09 -7.44
C GLN A 93 4.65 15.28 -6.29
N PRO A 94 5.22 15.36 -5.09
CA PRO A 94 4.69 14.54 -3.98
C PRO A 94 3.24 14.88 -3.69
N SER A 95 2.47 13.84 -3.39
CA SER A 95 1.09 14.04 -2.99
C SER A 95 1.05 14.57 -1.55
N ALA A 96 -0.15 14.88 -1.07
CA ALA A 96 -0.28 15.39 0.30
C ALA A 96 0.14 14.33 1.31
N GLU A 97 -0.27 13.08 1.10
CA GLU A 97 0.12 12.02 2.03
C GLU A 97 1.63 11.80 2.00
N GLU A 98 2.23 11.86 0.83
CA GLU A 98 3.67 11.66 0.72
C GLU A 98 4.43 12.77 1.45
N LEU A 99 3.91 13.99 1.42
CA LEU A 99 4.56 15.08 2.14
C LEU A 99 4.41 14.93 3.65
N SER A 100 3.40 14.20 4.11
CA SER A 100 3.23 13.97 5.54
C SER A 100 4.24 12.97 6.10
N HIS A 101 5.05 12.36 5.26
CA HIS A 101 6.10 11.42 5.68
C HIS A 101 7.45 11.98 5.26
N ASP A 102 8.52 11.35 5.74
CA ASP A 102 9.86 11.71 5.29
C ASP A 102 9.95 11.57 3.77
N PHE A 103 10.98 12.19 3.20
CA PHE A 103 11.07 12.26 1.74
C PHE A 103 11.44 10.93 1.11
N LEU A 104 11.93 9.97 1.88
CA LEU A 104 12.30 8.65 1.37
C LEU A 104 11.19 7.62 1.54
N TRP A 105 10.09 7.99 2.20
CA TRP A 105 8.99 7.06 2.42
C TRP A 105 8.45 6.52 1.10
N ARG A 106 7.99 7.41 0.21
CA ARG A 106 7.44 6.95 -1.06
C ARG A 106 8.51 6.29 -1.94
N ILE A 107 9.78 6.61 -1.73
CA ILE A 107 10.84 5.99 -2.50
C ILE A 107 11.07 4.55 -2.02
N HIS A 108 11.24 4.37 -0.70
CA HIS A 108 11.53 3.04 -0.18
C HIS A 108 10.44 2.05 -0.54
N GLN A 109 9.18 2.50 -0.59
CA GLN A 109 8.08 1.59 -0.88
C GLN A 109 8.26 0.90 -2.22
N LYS A 110 8.99 1.52 -3.14
CA LYS A 110 9.15 1.02 -4.50
C LYS A 110 10.47 0.31 -4.73
N ALA A 111 11.20 0.00 -3.67
CA ALA A 111 12.43 -0.77 -3.85
C ALA A 111 12.09 -2.12 -4.46
N PRO A 112 12.88 -2.61 -5.41
CA PRO A 112 12.51 -3.85 -6.11
C PRO A 112 12.61 -5.06 -5.21
N ALA A 113 11.74 -6.03 -5.48
CA ALA A 113 11.79 -7.29 -4.78
C ALA A 113 12.83 -8.21 -5.42
N LYS A 114 13.28 -9.20 -4.64
CA LYS A 114 14.27 -10.14 -5.14
C LYS A 114 13.82 -10.73 -6.47
N GLY A 115 14.73 -10.79 -7.43
CA GLY A 115 14.44 -11.33 -8.73
C GLY A 115 13.98 -10.33 -9.76
N TYR A 116 13.72 -9.09 -9.36
CA TYR A 116 13.13 -8.09 -10.24
C TYR A 116 14.15 -7.03 -10.63
N VAL A 117 13.86 -6.35 -11.74
CA VAL A 117 14.57 -5.15 -12.16
C VAL A 117 13.69 -3.94 -11.87
N GLY A 118 14.23 -2.99 -11.14
CA GLY A 118 13.51 -1.77 -10.78
C GLY A 118 14.09 -0.57 -11.52
N VAL A 119 13.20 0.36 -11.91
CA VAL A 119 13.60 1.57 -12.60
C VAL A 119 12.91 2.76 -11.94
N PHE A 120 13.68 3.80 -11.65
CA PHE A 120 13.15 5.05 -11.10
C PHE A 120 13.34 6.16 -12.13
N ASN A 121 12.26 6.51 -12.83
CA ASN A 121 12.25 7.68 -13.71
C ASN A 121 12.05 8.91 -12.83
N ARG A 122 13.14 9.64 -12.57
CA ARG A 122 13.21 10.59 -11.47
C ARG A 122 13.17 9.77 -10.18
N SER A 123 13.84 10.22 -9.13
CA SER A 123 14.04 9.38 -7.98
C SER A 123 14.14 10.25 -6.73
N GLN A 124 14.78 9.72 -5.68
CA GLN A 124 14.96 10.48 -4.46
C GLN A 124 15.80 11.73 -4.68
N TYR A 125 16.57 11.76 -5.77
CA TYR A 125 17.43 12.90 -6.01
C TYR A 125 16.64 14.15 -6.39
N GLU A 126 15.40 13.98 -6.85
CA GLU A 126 14.53 15.14 -7.03
C GLU A 126 14.45 15.96 -5.75
N ASP A 127 14.54 15.30 -4.59
CA ASP A 127 14.44 15.96 -3.30
C ASP A 127 15.66 16.79 -2.96
N VAL A 128 16.71 16.72 -3.76
CA VAL A 128 17.89 17.57 -3.60
C VAL A 128 18.23 18.24 -4.93
N LEU A 129 17.24 18.35 -5.82
CA LEU A 129 17.43 19.03 -7.10
C LEU A 129 16.45 20.19 -7.23
N VAL A 130 15.26 19.92 -7.77
CA VAL A 130 14.26 20.98 -7.94
C VAL A 130 13.96 21.65 -6.61
N THR A 131 14.08 20.90 -5.51
CA THR A 131 13.78 21.47 -4.20
C THR A 131 14.73 22.59 -3.84
N ARG A 132 15.95 22.57 -4.40
CA ARG A 132 16.96 23.59 -4.13
C ARG A 132 16.90 24.75 -5.12
N VAL A 133 16.75 24.45 -6.42
CA VAL A 133 16.73 25.51 -7.43
C VAL A 133 15.68 26.56 -7.10
N TYR A 134 14.56 26.16 -6.53
CA TYR A 134 13.46 27.07 -6.22
C TYR A 134 13.29 27.30 -4.72
N ASP A 135 14.37 27.08 -3.96
CA ASP A 135 14.42 27.49 -2.55
C ASP A 135 13.30 26.87 -1.73
N MET A 136 12.98 25.60 -2.02
CA MET A 136 12.11 24.84 -1.13
C MET A 136 12.86 24.36 0.11
N ILE A 137 14.17 24.16 -0.01
CA ILE A 137 15.02 23.80 1.11
C ILE A 137 16.30 24.61 1.02
N ASP A 138 17.05 24.63 2.13
CA ASP A 138 18.29 25.36 2.21
C ASP A 138 19.47 24.41 2.09
N ASP A 139 20.68 24.97 2.12
CA ASP A 139 21.87 24.15 1.93
C ASP A 139 22.03 23.12 3.04
N LYS A 140 21.74 23.50 4.28
CA LYS A 140 21.90 22.56 5.39
C LYS A 140 21.01 21.33 5.19
N THR A 141 19.72 21.55 4.90
CA THR A 141 18.82 20.43 4.66
C THR A 141 19.30 19.57 3.50
N ALA A 142 19.72 20.20 2.40
CA ALA A 142 20.16 19.45 1.23
C ALA A 142 21.34 18.54 1.58
N LYS A 143 22.32 19.07 2.33
CA LYS A 143 23.50 18.28 2.66
C LYS A 143 23.11 17.05 3.47
N ARG A 144 22.26 17.21 4.48
CA ARG A 144 21.87 16.07 5.30
C ARG A 144 21.08 15.06 4.49
N ARG A 145 20.20 15.53 3.60
CA ARG A 145 19.45 14.61 2.74
C ARG A 145 20.37 13.77 1.87
N LEU A 146 21.49 14.35 1.42
CA LEU A 146 22.44 13.59 0.63
C LEU A 146 23.06 12.47 1.45
N GLU A 147 23.30 12.71 2.73
CA GLU A 147 23.79 11.66 3.60
C GLU A 147 22.73 10.58 3.80
N HIS A 148 21.48 11.00 3.99
CA HIS A 148 20.40 10.03 4.15
C HIS A 148 20.21 9.18 2.90
N ILE A 149 20.48 9.76 1.73
CA ILE A 149 20.33 9.01 0.49
C ILE A 149 21.41 7.93 0.38
N ARG A 150 22.65 8.28 0.72
CA ARG A 150 23.73 7.30 0.68
C ARG A 150 23.44 6.13 1.62
N HIS A 151 23.00 6.44 2.84
CA HIS A 151 22.59 5.39 3.78
C HIS A 151 21.47 4.55 3.18
N PHE A 152 20.51 5.19 2.51
CA PHE A 152 19.44 4.44 1.87
C PHE A 152 19.98 3.52 0.80
N GLU A 153 20.88 4.02 -0.03
CA GLU A 153 21.48 3.18 -1.07
C GLU A 153 22.38 2.11 -0.47
N GLU A 154 22.98 2.39 0.69
CA GLU A 154 23.75 1.36 1.39
C GLU A 154 22.84 0.28 1.95
N LEU A 155 21.65 0.66 2.41
CA LEU A 155 20.68 -0.32 2.88
C LEU A 155 20.31 -1.28 1.76
N LEU A 156 19.95 -0.75 0.59
CA LEU A 156 19.53 -1.61 -0.50
C LEU A 156 20.68 -2.44 -1.04
N THR A 157 21.90 -1.90 -1.01
CA THR A 157 23.05 -2.65 -1.49
C THR A 157 23.30 -3.90 -0.65
N ASP A 158 23.27 -3.75 0.68
CA ASP A 158 23.42 -4.91 1.54
C ASP A 158 22.27 -5.90 1.40
N ASN A 159 21.18 -5.50 0.75
CA ASN A 159 20.05 -6.38 0.46
C ASN A 159 20.21 -7.12 -0.87
N ALA A 160 21.38 -7.04 -1.49
CA ALA A 160 21.66 -7.67 -2.79
C ALA A 160 21.00 -6.91 -3.95
N THR A 161 20.62 -5.65 -3.72
CA THR A 161 20.05 -4.81 -4.76
C THR A 161 21.18 -4.01 -5.42
N ARG A 162 21.46 -4.32 -6.69
CA ARG A 162 22.50 -3.61 -7.42
C ARG A 162 21.97 -2.26 -7.90
N ILE A 163 22.60 -1.18 -7.41
CA ILE A 163 22.15 0.18 -7.72
C ILE A 163 22.99 0.73 -8.86
N VAL A 164 22.32 1.41 -9.80
CA VAL A 164 22.97 2.05 -10.94
C VAL A 164 22.21 3.34 -11.21
N LYS A 165 22.92 4.48 -11.12
CA LYS A 165 22.34 5.80 -11.32
C LYS A 165 22.88 6.41 -12.60
N VAL A 166 22.00 6.90 -13.45
CA VAL A 166 22.35 7.41 -14.78
C VAL A 166 21.83 8.83 -14.94
N TYR A 167 22.70 9.73 -15.41
CA TYR A 167 22.33 11.10 -15.75
C TYR A 167 22.53 11.30 -17.24
N LEU A 168 21.46 11.62 -17.96
CA LEU A 168 21.52 11.86 -19.40
C LEU A 168 21.94 13.30 -19.66
N HIS A 169 23.04 13.47 -20.39
CA HIS A 169 23.77 14.73 -20.50
C HIS A 169 23.61 15.26 -21.93
N ILE A 170 22.86 16.37 -22.07
CA ILE A 170 22.68 17.01 -23.37
C ILE A 170 23.07 18.48 -23.28
N SER A 171 23.27 19.10 -24.44
CA SER A 171 23.59 20.51 -24.54
C SER A 171 22.32 21.35 -24.53
N PRO A 172 22.42 22.64 -24.21
CA PRO A 172 21.24 23.51 -24.33
C PRO A 172 20.70 23.59 -25.74
N GLU A 173 21.59 23.73 -26.73
CA GLU A 173 21.14 23.88 -28.11
C GLU A 173 20.43 22.63 -28.61
N GLU A 174 20.82 21.44 -28.12
CA GLU A 174 20.09 20.24 -28.49
C GLU A 174 18.70 20.23 -27.87
N GLN A 175 18.60 20.64 -26.60
CA GLN A 175 17.29 20.76 -25.98
C GLN A 175 16.42 21.73 -26.75
N LYS A 176 17.00 22.86 -27.19
CA LYS A 176 16.24 23.84 -27.95
C LYS A 176 15.67 23.21 -29.22
N GLU A 177 16.49 22.44 -29.94
CA GLU A 177 16.01 21.78 -31.15
C GLU A 177 14.89 20.80 -30.83
N ARG A 178 15.06 19.98 -29.79
CA ARG A 178 14.06 18.97 -29.48
C ARG A 178 12.75 19.61 -29.05
N LEU A 179 12.81 20.67 -28.24
CA LEU A 179 11.59 21.35 -27.80
C LEU A 179 10.90 22.07 -28.96
N GLN A 180 11.67 22.78 -29.78
CA GLN A 180 11.08 23.50 -30.91
C GLN A 180 10.40 22.53 -31.88
N ALA A 181 10.92 21.30 -31.99
CA ALA A 181 10.30 20.33 -32.88
C ALA A 181 8.88 19.99 -32.41
N ARG A 182 8.69 19.88 -31.09
CA ARG A 182 7.37 19.60 -30.56
C ARG A 182 6.42 20.77 -30.82
N LEU A 183 6.93 22.00 -30.83
CA LEU A 183 6.08 23.15 -31.16
C LEU A 183 5.76 23.22 -32.65
N ASP A 184 6.57 22.56 -33.50
CA ASP A 184 6.40 22.64 -34.94
C ASP A 184 5.54 21.51 -35.50
N ASN A 185 5.54 20.35 -34.85
CA ASN A 185 4.78 19.22 -35.34
C ASN A 185 3.48 19.11 -34.56
N PRO A 186 2.31 19.30 -35.20
CA PRO A 186 1.05 19.23 -34.44
C PRO A 186 0.88 17.94 -33.67
N GLY A 187 1.39 16.83 -34.21
CA GLY A 187 1.28 15.56 -33.52
C GLY A 187 2.00 15.52 -32.19
N LYS A 188 2.89 16.48 -31.95
CA LYS A 188 3.70 16.50 -30.74
C LYS A 188 3.40 17.70 -29.84
N HIS A 189 2.40 18.52 -30.16
CA HIS A 189 2.04 19.62 -29.28
C HIS A 189 1.76 19.14 -27.86
N TRP A 190 1.21 17.93 -27.73
CA TRP A 190 0.79 17.47 -26.41
C TRP A 190 1.97 17.13 -25.51
N LYS A 191 3.17 16.95 -26.07
CA LYS A 191 4.35 16.64 -25.28
C LYS A 191 5.03 17.89 -24.72
N PHE A 192 4.54 19.08 -25.04
CA PHE A 192 5.14 20.34 -24.62
C PHE A 192 4.13 21.21 -23.90
N ASN A 193 4.60 21.93 -22.87
CA ASN A 193 3.81 22.94 -22.18
C ASN A 193 4.77 24.06 -21.81
N PRO A 194 4.29 25.30 -21.70
CA PRO A 194 5.21 26.40 -21.34
C PRO A 194 5.75 26.33 -19.91
N GLY A 195 5.85 25.12 -19.34
CA GLY A 195 6.41 24.92 -18.02
C GLY A 195 7.74 24.19 -18.07
N ASP A 196 7.91 23.39 -19.13
CA ASP A 196 9.20 22.79 -19.43
C ASP A 196 10.29 23.85 -19.60
N LEU A 197 9.91 25.09 -19.84
CA LEU A 197 10.86 26.18 -20.04
C LEU A 197 11.39 26.79 -18.75
N LYS A 198 10.74 26.56 -17.62
CA LYS A 198 11.21 27.15 -16.38
C LYS A 198 12.53 26.55 -15.94
N ASP A 199 12.61 25.22 -15.81
CA ASP A 199 13.87 24.58 -15.43
C ASP A 199 15.00 24.96 -16.38
N ARG A 200 14.67 25.17 -17.66
CA ARG A 200 15.68 25.56 -18.64
C ARG A 200 16.32 26.90 -18.30
N SER A 201 15.52 27.89 -17.88
CA SER A 201 16.07 29.19 -17.55
C SER A 201 17.01 29.12 -16.35
N ASN A 202 16.94 28.05 -15.55
CA ASN A 202 17.81 27.85 -14.40
C ASN A 202 18.83 26.75 -14.65
N TRP A 203 19.29 26.64 -15.90
CA TRP A 203 20.22 25.57 -16.27
C TRP A 203 21.44 25.55 -15.35
N ASP A 204 22.08 26.72 -15.17
CA ASP A 204 23.32 26.76 -14.40
C ASP A 204 23.10 26.43 -12.93
N LYS A 205 21.92 26.76 -12.38
CA LYS A 205 21.64 26.36 -11.01
C LYS A 205 21.50 24.85 -10.90
N PHE A 206 20.91 24.21 -11.92
CA PHE A 206 20.83 22.75 -11.91
C PHE A 206 22.21 22.11 -12.06
N ASN A 207 23.13 22.76 -12.78
CA ASN A 207 24.49 22.26 -12.84
C ASN A 207 25.08 22.09 -11.44
N ASP A 208 24.93 23.11 -10.60
CA ASP A 208 25.51 23.06 -9.27
C ASP A 208 24.90 21.93 -8.45
N VAL A 209 23.57 21.89 -8.38
CA VAL A 209 22.90 20.90 -7.54
C VAL A 209 23.06 19.49 -8.11
N TYR A 210 23.13 19.34 -9.43
CA TYR A 210 23.41 18.02 -9.99
C TYR A 210 24.83 17.59 -9.66
N GLU A 211 25.78 18.52 -9.78
CA GLU A 211 27.17 18.20 -9.45
C GLU A 211 27.33 17.86 -7.97
N ASP A 212 26.54 18.50 -7.10
CA ASP A 212 26.49 18.08 -5.70
C ASP A 212 25.96 16.65 -5.58
N ALA A 213 24.86 16.37 -6.28
CA ALA A 213 24.25 15.05 -6.19
C ALA A 213 25.19 13.95 -6.64
N LEU A 214 26.07 14.24 -7.61
CA LEU A 214 26.97 13.21 -8.13
C LEU A 214 27.97 12.72 -7.10
N THR A 215 28.14 13.43 -5.97
CA THR A 215 29.11 13.02 -4.95
C THR A 215 28.66 11.79 -4.17
N THR A 216 27.45 11.29 -4.40
CA THR A 216 27.02 10.03 -3.81
C THR A 216 27.56 8.83 -4.59
N SER A 217 28.40 9.07 -5.59
CA SER A 217 28.93 7.99 -6.43
C SER A 217 29.99 7.23 -5.66
N THR A 218 29.78 5.92 -5.51
CA THR A 218 30.71 5.03 -4.82
C THR A 218 31.00 3.83 -5.72
N ASP A 219 31.87 2.95 -5.25
CA ASP A 219 32.12 1.72 -6.00
C ASP A 219 30.86 0.87 -6.08
N ASP A 220 30.06 0.86 -5.01
CA ASP A 220 28.87 0.01 -5.00
C ASP A 220 27.69 0.68 -5.68
N ALA A 221 27.59 2.02 -5.63
CA ALA A 221 26.47 2.76 -6.19
C ALA A 221 26.99 3.91 -7.06
N PRO A 222 27.48 3.59 -8.26
CA PRO A 222 28.10 4.62 -9.09
C PRO A 222 27.10 5.42 -9.90
N TRP A 223 27.49 6.68 -10.18
CA TRP A 223 26.80 7.51 -11.15
C TRP A 223 27.45 7.37 -12.52
N TYR A 224 26.66 7.62 -13.56
CA TYR A 224 27.14 7.62 -14.93
C TYR A 224 26.62 8.86 -15.65
N VAL A 225 27.52 9.59 -16.30
CA VAL A 225 27.18 10.72 -17.16
C VAL A 225 27.26 10.23 -18.60
N VAL A 226 26.11 10.08 -19.25
CA VAL A 226 25.99 9.47 -20.56
C VAL A 226 25.77 10.58 -21.59
N PRO A 227 26.70 10.81 -22.51
CA PRO A 227 26.43 11.78 -23.58
C PRO A 227 25.21 11.37 -24.38
N ALA A 228 24.19 12.23 -24.36
CA ALA A 228 22.87 11.87 -24.88
C ALA A 228 22.40 12.74 -26.04
N ASP A 229 23.27 13.58 -26.61
CA ASP A 229 22.88 14.35 -27.78
C ASP A 229 22.39 13.44 -28.90
N ARG A 230 23.04 12.29 -29.07
CA ARG A 230 22.64 11.28 -30.05
C ARG A 230 21.79 10.23 -29.35
N LYS A 231 20.53 10.10 -29.78
CA LYS A 231 19.61 9.21 -29.10
C LYS A 231 20.02 7.74 -29.25
N TRP A 232 20.54 7.38 -30.42
CA TRP A 232 20.99 6.00 -30.61
C TRP A 232 22.15 5.66 -29.68
N TYR A 233 22.98 6.65 -29.37
CA TYR A 233 24.15 6.41 -28.52
C TYR A 233 23.74 6.25 -27.06
N ARG A 234 22.83 7.10 -26.57
CA ARG A 234 22.26 6.90 -25.25
C ARG A 234 21.81 5.45 -25.07
N ASP A 235 21.02 4.94 -26.02
CA ASP A 235 20.51 3.58 -25.89
C ASP A 235 21.63 2.56 -25.88
N LEU A 236 22.69 2.80 -26.65
CA LEU A 236 23.81 1.85 -26.71
C LEU A 236 24.57 1.80 -25.40
N VAL A 237 24.87 2.96 -24.81
CA VAL A 237 25.62 2.99 -23.57
C VAL A 237 24.81 2.41 -22.42
N LEU A 238 23.53 2.78 -22.33
CA LEU A 238 22.71 2.25 -21.25
C LEU A 238 22.58 0.74 -21.32
N SER A 239 22.43 0.20 -22.53
CA SER A 239 22.44 -1.25 -22.69
C SER A 239 23.72 -1.86 -22.13
N HIS A 240 24.86 -1.20 -22.34
CA HIS A 240 26.13 -1.72 -21.83
C HIS A 240 26.18 -1.62 -20.31
N ILE A 241 25.68 -0.52 -19.74
CA ILE A 241 25.73 -0.33 -18.30
C ILE A 241 24.90 -1.39 -17.60
N LEU A 242 23.68 -1.62 -18.10
CA LEU A 242 22.78 -2.56 -17.43
C LEU A 242 23.23 -4.00 -17.65
N LEU A 243 23.68 -4.33 -18.87
CA LEU A 243 24.15 -5.68 -19.12
C LEU A 243 25.41 -5.97 -18.33
N GLY A 244 26.28 -4.98 -18.17
CA GLY A 244 27.46 -5.16 -17.35
C GLY A 244 27.10 -5.48 -15.90
N ALA A 245 26.07 -4.82 -15.37
CA ALA A 245 25.62 -5.14 -14.02
C ALA A 245 25.06 -6.56 -13.95
N LEU A 246 24.18 -6.92 -14.88
CA LEU A 246 23.58 -8.25 -14.86
C LEU A 246 24.64 -9.33 -14.96
N LYS A 247 25.63 -9.14 -15.83
CA LYS A 247 26.67 -10.15 -15.98
C LYS A 247 27.54 -10.23 -14.72
N ASP A 248 27.82 -9.09 -14.09
CA ASP A 248 28.64 -9.11 -12.89
C ASP A 248 27.87 -9.72 -11.72
N MET A 249 26.56 -9.51 -11.66
CA MET A 249 25.74 -10.18 -10.66
C MET A 249 25.73 -11.69 -10.88
N ASN A 250 25.82 -12.11 -12.14
CA ASN A 250 25.91 -13.52 -12.50
C ASN A 250 24.80 -14.35 -11.84
N PRO A 251 23.53 -14.06 -12.11
CA PRO A 251 22.45 -14.88 -11.57
C PRO A 251 22.44 -16.26 -12.19
N GLN A 252 22.24 -17.27 -11.35
CA GLN A 252 22.27 -18.67 -11.75
C GLN A 252 20.89 -19.29 -11.72
N PHE A 253 20.60 -20.16 -12.68
CA PHE A 253 19.37 -20.93 -12.62
C PHE A 253 19.38 -21.76 -11.35
N PRO A 254 18.23 -21.97 -10.72
CA PRO A 254 18.21 -22.70 -9.45
C PRO A 254 18.40 -24.19 -9.66
N ALA A 255 19.07 -24.81 -8.69
CA ALA A 255 19.27 -26.25 -8.72
C ALA A 255 17.96 -26.96 -8.37
N ILE A 256 17.91 -28.25 -8.69
CA ILE A 256 16.76 -29.09 -8.39
C ILE A 256 17.18 -30.15 -7.38
N ASP A 257 16.20 -30.70 -6.67
CA ASP A 257 16.42 -31.69 -5.63
C ASP A 257 15.69 -33.00 -5.94
N TYR A 258 15.51 -33.31 -7.22
CA TYR A 258 14.81 -34.51 -7.64
C TYR A 258 15.42 -35.02 -8.94
N ASP A 259 15.08 -36.26 -9.29
CA ASP A 259 15.61 -36.88 -10.50
C ASP A 259 14.56 -36.82 -11.60
N PRO A 260 14.72 -35.97 -12.61
CA PRO A 260 13.71 -35.92 -13.69
C PRO A 260 13.50 -37.24 -14.39
N SER A 261 14.57 -38.05 -14.56
CA SER A 261 14.46 -39.26 -15.35
C SER A 261 13.45 -40.24 -14.75
N LYS A 262 13.30 -40.27 -13.43
CA LYS A 262 12.40 -41.20 -12.78
C LYS A 262 11.03 -40.59 -12.48
N VAL A 263 10.70 -39.47 -13.11
CA VAL A 263 9.37 -38.88 -13.01
C VAL A 263 8.50 -39.52 -14.09
N VAL A 264 7.32 -39.98 -13.69
CA VAL A 264 6.40 -40.66 -14.60
C VAL A 264 5.14 -39.79 -14.72
N ILE A 265 5.00 -39.11 -15.86
CA ILE A 265 3.83 -38.29 -16.15
C ILE A 265 2.76 -39.23 -16.71
N HIS A 266 1.80 -39.62 -15.88
CA HIS A 266 0.69 -40.44 -16.34
C HIS A 266 -0.30 -39.58 -17.13
N MET B 1 -37.86 4.82 25.03
N MET B 1 -37.30 5.17 25.05
CA MET B 1 -37.35 5.17 23.68
CA MET B 1 -36.91 5.27 23.61
C MET B 1 -36.76 3.93 23.00
C MET B 1 -36.75 3.90 22.99
N ASP B 2 -37.09 3.77 21.72
CA ASP B 2 -36.74 2.60 20.93
C ASP B 2 -35.61 3.00 20.00
N ILE B 3 -34.45 2.34 20.14
CA ILE B 3 -33.31 2.64 19.29
C ILE B 3 -33.59 2.22 17.85
N ASP B 4 -34.53 1.28 17.64
CA ASP B 4 -34.84 0.81 16.31
C ASP B 4 -35.60 1.85 15.48
N ASN B 5 -36.19 2.85 16.12
CA ASN B 5 -36.83 3.93 15.38
C ASN B 5 -35.83 4.72 14.56
N TYR B 6 -34.55 4.65 14.90
CA TYR B 6 -33.53 5.39 14.17
C TYR B 6 -32.99 4.62 12.97
N ARG B 7 -33.49 3.41 12.72
CA ARG B 7 -33.01 2.60 11.60
C ARG B 7 -33.87 2.83 10.37
N VAL B 8 -33.23 3.18 9.26
CA VAL B 8 -33.94 3.32 7.99
C VAL B 8 -34.37 1.94 7.54
N LYS B 9 -35.68 1.69 7.52
CA LYS B 9 -36.20 0.38 7.18
C LYS B 9 -36.01 0.11 5.69
N PRO B 10 -35.81 -1.16 5.31
CA PRO B 10 -35.55 -1.47 3.90
C PRO B 10 -36.72 -1.13 2.99
N GLY B 11 -36.39 -0.63 1.81
CA GLY B 11 -37.34 -0.52 0.71
C GLY B 11 -38.24 0.69 0.68
N LYS B 12 -38.21 1.57 1.68
CA LYS B 12 -39.09 2.73 1.70
C LYS B 12 -38.26 4.01 1.81
N ARG B 13 -38.56 4.98 0.95
CA ARG B 13 -37.87 6.25 1.00
C ARG B 13 -38.27 7.04 2.23
N VAL B 14 -37.35 7.89 2.70
CA VAL B 14 -37.52 8.66 3.92
C VAL B 14 -37.16 10.12 3.65
N LYS B 15 -37.67 10.98 4.51
CA LYS B 15 -37.29 12.39 4.58
C LYS B 15 -36.68 12.67 5.95
N LEU B 16 -35.48 13.24 5.95
CA LEU B 16 -34.79 13.50 7.22
C LEU B 16 -35.65 14.33 8.15
N SER B 17 -36.49 15.21 7.59
CA SER B 17 -37.35 16.05 8.43
C SER B 17 -38.24 15.23 9.34
N ASP B 18 -38.46 13.95 9.05
CA ASP B 18 -39.33 13.14 9.87
C ASP B 18 -38.72 12.74 11.21
N TRP B 19 -37.44 13.04 11.43
CA TRP B 19 -36.78 12.73 12.70
C TRP B 19 -36.46 14.02 13.44
N ALA B 20 -36.73 14.03 14.74
CA ALA B 20 -36.33 15.17 15.56
C ALA B 20 -34.82 15.13 15.76
N THR B 21 -34.24 16.29 15.98
CA THR B 21 -32.79 16.41 16.10
C THR B 21 -32.31 16.44 17.55
N ASN B 22 -33.21 16.59 18.52
CA ASN B 22 -32.82 16.83 19.90
C ASN B 22 -33.58 15.91 20.85
N ASP B 23 -33.79 14.66 20.45
CA ASP B 23 -34.36 13.67 21.35
C ASP B 23 -33.46 13.46 22.57
N ASP B 24 -34.07 12.98 23.64
CA ASP B 24 -33.31 12.65 24.84
C ASP B 24 -33.83 11.43 25.60
N ALA B 25 -34.91 10.79 25.14
CA ALA B 25 -35.45 9.59 25.77
C ALA B 25 -35.89 9.86 27.21
N GLY B 26 -36.21 11.10 27.54
CA GLY B 26 -36.59 11.45 28.90
C GLY B 26 -35.46 11.33 29.90
N LEU B 27 -34.23 11.52 29.47
CA LEU B 27 -33.06 11.45 30.32
C LEU B 27 -32.40 12.82 30.47
N SER B 28 -31.84 13.06 31.64
CA SER B 28 -31.00 14.22 31.86
C SER B 28 -29.62 13.98 31.26
N LYS B 29 -28.86 15.07 31.11
CA LYS B 29 -27.48 14.93 30.65
C LYS B 29 -26.69 14.02 31.56
N GLU B 30 -26.97 14.05 32.87
CA GLU B 30 -26.20 13.27 33.82
C GLU B 30 -26.54 11.79 33.73
N GLU B 31 -27.82 11.45 33.69
CA GLU B 31 -28.21 10.05 33.58
C GLU B 31 -27.71 9.45 32.27
N GLY B 32 -27.65 10.25 31.20
CA GLY B 32 -27.13 9.74 29.95
C GLY B 32 -25.63 9.49 30.02
N GLN B 33 -24.87 10.49 30.45
CA GLN B 33 -23.42 10.34 30.55
C GLN B 33 -23.04 9.16 31.43
N ALA B 34 -23.74 8.98 32.56
CA ALA B 34 -23.41 7.86 33.44
C ALA B 34 -23.63 6.52 32.74
N GLN B 35 -24.74 6.37 32.02
CA GLN B 35 -24.98 5.14 31.29
C GLN B 35 -23.99 4.97 30.15
N THR B 36 -23.63 6.07 29.48
CA THR B 36 -22.65 5.99 28.40
C THR B 36 -21.31 5.45 28.91
N ALA B 37 -20.95 5.77 30.15
CA ALA B 37 -19.70 5.27 30.71
C ALA B 37 -19.78 3.77 30.99
N LYS B 38 -20.92 3.30 31.50
CA LYS B 38 -21.06 1.87 31.76
C LYS B 38 -21.02 1.06 30.46
N LEU B 39 -21.53 1.61 29.36
CA LEU B 39 -21.50 0.89 28.10
C LEU B 39 -20.09 0.81 27.55
N ALA B 40 -19.23 1.78 27.88
CA ALA B 40 -17.85 1.73 27.43
C ALA B 40 -17.16 0.45 27.89
N GLY B 41 -17.46 0.01 29.11
CA GLY B 41 -16.86 -1.22 29.60
C GLY B 41 -17.38 -2.43 28.85
N GLU B 42 -18.66 -2.43 28.52
CA GLU B 42 -19.21 -3.53 27.72
C GLU B 42 -18.60 -3.53 26.33
N LEU B 43 -18.47 -2.35 25.71
CA LEU B 43 -17.84 -2.25 24.40
C LEU B 43 -16.43 -2.83 24.41
N ALA B 44 -15.68 -2.61 25.49
CA ALA B 44 -14.31 -3.07 25.53
C ALA B 44 -14.22 -4.59 25.64
N GLU B 45 -15.03 -5.19 26.51
CA GLU B 45 -14.98 -6.64 26.66
C GLU B 45 -15.29 -7.33 25.35
N TRP B 46 -16.26 -6.84 24.59
CA TRP B 46 -16.64 -7.51 23.35
C TRP B 46 -15.65 -7.23 22.23
N GLN B 47 -15.04 -6.04 22.22
CA GLN B 47 -14.01 -5.76 21.23
C GLN B 47 -12.77 -6.62 21.47
N GLU B 48 -12.48 -6.96 22.72
CA GLU B 48 -11.40 -7.91 23.00
C GLU B 48 -11.75 -9.29 22.49
N ARG B 49 -13.01 -9.70 22.68
CA ARG B 49 -13.47 -10.98 22.16
C ARG B 49 -13.46 -10.99 20.63
N LEU B 50 -13.84 -9.87 20.01
CA LEU B 50 -13.81 -9.79 18.55
C LEU B 50 -12.39 -10.00 18.03
N TYR B 51 -11.40 -9.36 18.66
CA TYR B 51 -10.03 -9.50 18.20
C TYR B 51 -9.49 -10.89 18.47
N ALA B 52 -9.87 -11.48 19.62
CA ALA B 52 -9.39 -12.82 19.95
C ALA B 52 -9.89 -13.86 18.95
N GLU B 53 -11.14 -13.73 18.52
CA GLU B 53 -11.72 -14.75 17.65
C GLU B 53 -11.09 -14.71 16.26
N GLY B 54 -10.93 -13.51 15.69
CA GLY B 54 -10.27 -13.38 14.41
C GLY B 54 -11.07 -13.94 13.26
N LYS B 55 -12.39 -13.91 13.35
CA LYS B 55 -13.26 -14.42 12.29
C LYS B 55 -14.16 -13.35 11.69
N GLN B 56 -14.53 -12.33 12.46
CA GLN B 56 -15.45 -11.30 12.02
C GLN B 56 -14.79 -9.94 12.13
N SER B 57 -15.52 -8.92 11.65
CA SER B 57 -15.07 -7.55 11.73
C SER B 57 -16.27 -6.62 11.76
N LEU B 58 -16.05 -5.40 12.26
CA LEU B 58 -17.10 -4.40 12.40
C LEU B 58 -16.69 -3.15 11.66
N LEU B 59 -17.58 -2.63 10.81
CA LEU B 59 -17.31 -1.43 10.04
C LEU B 59 -18.36 -0.37 10.34
N LEU B 60 -17.92 0.75 10.91
CA LEU B 60 -18.78 1.90 11.17
C LEU B 60 -18.54 2.96 10.11
N ILE B 61 -19.62 3.42 9.48
CA ILE B 61 -19.58 4.49 8.49
C ILE B 61 -20.23 5.73 9.10
N LEU B 62 -19.42 6.77 9.30
CA LEU B 62 -19.88 8.02 9.88
C LEU B 62 -20.03 9.06 8.78
N GLN B 63 -21.23 9.57 8.62
CA GLN B 63 -21.52 10.65 7.68
C GLN B 63 -22.28 11.73 8.44
N ALA B 64 -21.93 12.99 8.21
CA ALA B 64 -22.58 14.08 8.91
C ALA B 64 -22.09 15.41 8.35
N ARG B 65 -22.83 16.47 8.69
CA ARG B 65 -22.50 17.81 8.21
C ARG B 65 -21.51 18.47 9.16
N ASP B 66 -21.10 19.69 8.81
CA ASP B 66 -20.09 20.39 9.59
C ASP B 66 -20.60 20.69 10.99
N ALA B 67 -19.76 20.44 11.98
CA ALA B 67 -20.07 20.69 13.39
C ALA B 67 -21.14 19.76 13.92
N ALA B 68 -21.34 18.59 13.30
CA ALA B 68 -22.37 17.66 13.72
C ALA B 68 -21.93 16.71 14.83
N GLY B 69 -20.62 16.43 14.92
CA GLY B 69 -20.10 15.63 16.02
C GLY B 69 -19.37 14.38 15.58
N LYS B 70 -18.93 14.31 14.33
CA LYS B 70 -18.17 13.15 13.89
C LYS B 70 -16.91 12.97 14.74
N ASP B 71 -16.08 14.02 14.84
CA ASP B 71 -14.84 13.89 15.59
C ASP B 71 -15.11 13.58 17.05
N GLY B 72 -16.15 14.16 17.63
CA GLY B 72 -16.46 13.91 19.02
C GLY B 72 -16.99 12.51 19.27
N ALA B 73 -17.74 11.96 18.29
CA ALA B 73 -18.26 10.60 18.46
C ALA B 73 -17.13 9.59 18.49
N VAL B 74 -16.12 9.75 17.64
CA VAL B 74 -14.98 8.84 17.65
C VAL B 74 -14.18 9.02 18.95
N LYS B 75 -13.94 10.28 19.33
CA LYS B 75 -13.16 10.53 20.54
C LYS B 75 -13.80 9.91 21.78
N LYS B 76 -15.13 9.92 21.84
CA LYS B 76 -15.83 9.47 23.04
C LYS B 76 -16.23 8.00 22.98
N VAL B 77 -16.83 7.56 21.87
CA VAL B 77 -17.35 6.20 21.77
C VAL B 77 -16.27 5.24 21.28
N ILE B 78 -15.68 5.55 20.13
CA ILE B 78 -14.60 4.71 19.62
C ILE B 78 -13.41 4.69 20.57
N GLY B 79 -13.27 5.72 21.40
CA GLY B 79 -12.21 5.75 22.40
C GLY B 79 -12.33 4.68 23.46
N ALA B 80 -13.49 4.01 23.54
CA ALA B 80 -13.67 2.95 24.52
C ALA B 80 -12.90 1.69 24.15
N PHE B 81 -12.69 1.46 22.85
CA PHE B 81 -12.03 0.25 22.40
C PHE B 81 -10.52 0.31 22.64
N ASN B 82 -9.91 -0.86 22.71
CA ASN B 82 -8.45 -0.94 22.71
C ASN B 82 -7.94 -0.44 21.38
N PRO B 83 -7.16 0.65 21.33
CA PRO B 83 -6.75 1.21 20.03
C PRO B 83 -5.99 0.24 19.14
N ALA B 84 -5.49 -0.87 19.67
CA ALA B 84 -4.79 -1.84 18.82
C ALA B 84 -5.77 -2.69 18.00
N GLY B 85 -7.04 -2.71 18.35
CA GLY B 85 -8.03 -3.48 17.60
C GLY B 85 -8.98 -2.62 16.81
N VAL B 86 -8.55 -1.40 16.50
CA VAL B 86 -9.38 -0.42 15.80
C VAL B 86 -8.58 0.16 14.65
N GLN B 87 -9.31 0.54 13.60
CA GLN B 87 -8.71 1.16 12.42
C GLN B 87 -9.64 2.27 11.97
N ILE B 88 -9.17 3.51 12.05
CA ILE B 88 -9.95 4.68 11.70
C ILE B 88 -9.34 5.32 10.47
N THR B 89 -10.21 5.74 9.55
CA THR B 89 -9.80 6.38 8.30
C THR B 89 -10.71 7.56 8.05
N SER B 90 -10.12 8.73 7.84
CA SER B 90 -10.85 9.95 7.54
C SER B 90 -10.63 10.27 6.06
N PHE B 91 -11.65 10.02 5.24
CA PHE B 91 -11.53 10.24 3.80
C PHE B 91 -11.77 11.70 3.48
N LYS B 92 -10.74 12.36 2.95
CA LYS B 92 -10.82 13.75 2.52
C LYS B 92 -10.82 13.79 0.98
N GLN B 93 -10.49 14.94 0.41
CA GLN B 93 -10.56 15.09 -1.04
C GLN B 93 -9.65 14.04 -1.70
N PRO B 94 -10.13 13.32 -2.71
CA PRO B 94 -9.30 12.28 -3.32
C PRO B 94 -8.03 12.85 -3.92
N SER B 95 -6.93 12.12 -3.75
CA SER B 95 -5.67 12.51 -4.36
C SER B 95 -5.70 12.23 -5.86
N ALA B 96 -4.63 12.63 -6.54
CA ALA B 96 -4.54 12.39 -7.97
C ALA B 96 -4.47 10.90 -8.28
N GLU B 97 -3.67 10.16 -7.51
CA GLU B 97 -3.58 8.71 -7.73
C GLU B 97 -4.92 8.05 -7.46
N GLU B 98 -5.64 8.50 -6.43
CA GLU B 98 -6.94 7.94 -6.12
C GLU B 98 -7.93 8.22 -7.24
N LEU B 99 -7.84 9.38 -7.89
CA LEU B 99 -8.74 9.71 -8.98
C LEU B 99 -8.44 8.90 -10.25
N SER B 100 -7.21 8.42 -10.40
CA SER B 100 -6.91 7.58 -11.56
C SER B 100 -7.52 6.20 -11.44
N HIS B 101 -8.17 5.89 -10.32
CA HIS B 101 -8.84 4.62 -10.08
C HIS B 101 -10.34 4.85 -9.88
N ASP B 102 -11.09 3.76 -9.88
CA ASP B 102 -12.50 3.85 -9.54
C ASP B 102 -12.67 4.45 -8.15
N PHE B 103 -13.91 4.88 -7.85
CA PHE B 103 -14.14 5.62 -6.62
C PHE B 103 -14.10 4.73 -5.38
N LEU B 104 -14.17 3.41 -5.54
CA LEU B 104 -14.10 2.49 -4.41
C LEU B 104 -12.70 1.93 -4.18
N TRP B 105 -11.74 2.26 -5.05
CA TRP B 105 -10.38 1.74 -4.90
C TRP B 105 -9.84 2.08 -3.52
N ARG B 106 -9.82 3.37 -3.18
CA ARG B 106 -9.28 3.81 -1.90
C ARG B 106 -10.15 3.35 -0.73
N ILE B 107 -11.43 3.08 -0.96
CA ILE B 107 -12.29 2.60 0.11
C ILE B 107 -11.97 1.14 0.43
N HIS B 108 -11.96 0.29 -0.58
CA HIS B 108 -11.75 -1.15 -0.35
C HIS B 108 -10.42 -1.41 0.34
N GLN B 109 -9.39 -0.62 0.03
CA GLN B 109 -8.08 -0.86 0.63
C GLN B 109 -8.13 -0.77 2.14
N LYS B 110 -9.06 0.01 2.69
CA LYS B 110 -9.16 0.26 4.12
C LYS B 110 -10.24 -0.57 4.79
N ALA B 111 -10.76 -1.58 4.10
CA ALA B 111 -11.73 -2.47 4.73
C ALA B 111 -11.08 -3.19 5.90
N PRO B 112 -11.80 -3.39 7.00
CA PRO B 112 -11.17 -3.96 8.19
C PRO B 112 -10.80 -5.43 7.99
N ALA B 113 -9.68 -5.82 8.60
CA ALA B 113 -9.26 -7.20 8.60
C ALA B 113 -9.95 -7.97 9.71
N LYS B 114 -9.95 -9.30 9.58
CA LYS B 114 -10.61 -10.14 10.57
C LYS B 114 -10.13 -9.79 11.97
N GLY B 115 -11.08 -9.63 12.88
CA GLY B 115 -10.79 -9.31 14.26
C GLY B 115 -10.76 -7.84 14.61
N TYR B 116 -10.81 -6.95 13.62
CA TYR B 116 -10.62 -5.53 13.84
C TYR B 116 -11.94 -4.79 13.70
N VAL B 117 -12.00 -3.60 14.30
CA VAL B 117 -13.10 -2.67 14.13
C VAL B 117 -12.63 -1.56 13.20
N GLY B 118 -13.39 -1.32 12.14
CA GLY B 118 -13.07 -0.30 11.15
C GLY B 118 -14.05 0.85 11.24
N VAL B 119 -13.53 2.07 11.03
CA VAL B 119 -14.32 3.29 11.07
C VAL B 119 -14.03 4.12 9.83
N PHE B 120 -15.08 4.60 9.18
CA PHE B 120 -14.98 5.51 8.04
C PHE B 120 -15.57 6.86 8.47
N ASN B 121 -14.70 7.78 8.86
CA ASN B 121 -15.12 9.16 9.11
C ASN B 121 -15.20 9.84 7.75
N ARG B 122 -16.43 9.96 7.23
CA ARG B 122 -16.69 10.14 5.80
C ARG B 122 -16.27 8.85 5.10
N SER B 123 -16.95 8.49 4.02
CA SER B 123 -16.81 7.15 3.47
C SER B 123 -17.06 7.21 1.97
N GLN B 124 -17.44 6.06 1.40
CA GLN B 124 -17.74 5.99 -0.03
C GLN B 124 -18.93 6.85 -0.39
N TYR B 125 -19.77 7.22 0.58
CA TYR B 125 -20.95 8.01 0.29
C TYR B 125 -20.62 9.46 -0.07
N GLU B 126 -19.43 9.95 0.29
CA GLU B 126 -19.01 11.26 -0.19
C GLU B 126 -19.14 11.36 -1.71
N ASP B 127 -18.92 10.25 -2.41
CA ASP B 127 -18.94 10.21 -3.87
C ASP B 127 -20.34 10.32 -4.46
N VAL B 128 -21.39 10.28 -3.64
CA VAL B 128 -22.75 10.49 -4.14
C VAL B 128 -23.40 11.56 -3.29
N LEU B 129 -22.58 12.40 -2.65
CA LEU B 129 -23.07 13.50 -1.84
C LEU B 129 -22.51 14.82 -2.37
N VAL B 130 -21.34 15.22 -1.87
CA VAL B 130 -20.73 16.48 -2.30
C VAL B 130 -20.55 16.51 -3.80
N THR B 131 -20.29 15.37 -4.42
CA THR B 131 -20.07 15.31 -5.87
C THR B 131 -21.33 15.70 -6.65
N ARG B 132 -22.51 15.53 -6.05
CA ARG B 132 -23.77 15.87 -6.71
C ARG B 132 -24.16 17.33 -6.44
N VAL B 133 -24.07 17.75 -5.18
CA VAL B 133 -24.47 19.12 -4.82
C VAL B 133 -23.72 20.13 -5.68
N TYR B 134 -22.46 19.84 -6.02
CA TYR B 134 -21.62 20.76 -6.78
C TYR B 134 -21.35 20.23 -8.20
N ASP B 135 -22.23 19.38 -8.71
CA ASP B 135 -22.25 19.02 -10.12
C ASP B 135 -20.91 18.45 -10.60
N MET B 136 -20.25 17.67 -9.75
CA MET B 136 -19.11 16.90 -10.23
C MET B 136 -19.57 15.67 -11.00
N ILE B 137 -20.75 15.14 -10.67
CA ILE B 137 -21.38 14.05 -11.40
C ILE B 137 -22.85 14.37 -11.58
N ASP B 138 -23.50 13.63 -12.47
CA ASP B 138 -24.92 13.82 -12.77
C ASP B 138 -25.77 12.76 -12.09
N ASP B 139 -27.09 12.87 -12.27
CA ASP B 139 -28.00 11.93 -11.63
C ASP B 139 -27.78 10.51 -12.13
N LYS B 140 -27.53 10.37 -13.43
CA LYS B 140 -27.33 9.04 -14.00
C LYS B 140 -26.15 8.34 -13.33
N THR B 141 -25.00 9.04 -13.25
CA THR B 141 -23.82 8.49 -12.60
C THR B 141 -24.09 8.17 -11.14
N ALA B 142 -24.78 9.07 -10.44
CA ALA B 142 -25.07 8.85 -9.02
C ALA B 142 -25.83 7.55 -8.82
N LYS B 143 -26.83 7.29 -9.65
CA LYS B 143 -27.65 6.10 -9.46
C LYS B 143 -26.82 4.83 -9.58
N ARG B 144 -25.95 4.75 -10.60
CA ARG B 144 -25.13 3.56 -10.77
C ARG B 144 -24.14 3.41 -9.62
N ARG B 145 -23.53 4.52 -9.18
CA ARG B 145 -22.61 4.45 -8.05
C ARG B 145 -23.31 3.89 -6.81
N LEU B 146 -24.58 4.24 -6.63
CA LEU B 146 -25.32 3.72 -5.47
C LEU B 146 -25.48 2.21 -5.54
N GLU B 147 -25.67 1.67 -6.75
CA GLU B 147 -25.72 0.22 -6.91
C GLU B 147 -24.36 -0.42 -6.63
N HIS B 148 -23.28 0.22 -7.09
CA HIS B 148 -21.95 -0.32 -6.84
C HIS B 148 -21.63 -0.33 -5.34
N ILE B 149 -22.15 0.65 -4.60
CA ILE B 149 -21.91 0.69 -3.16
C ILE B 149 -22.65 -0.45 -2.47
N ARG B 150 -23.91 -0.67 -2.86
CA ARG B 150 -24.68 -1.80 -2.32
C ARG B 150 -23.95 -3.12 -2.61
N HIS B 151 -23.50 -3.30 -3.85
CA HIS B 151 -22.72 -4.49 -4.17
C HIS B 151 -21.45 -4.56 -3.34
N PHE B 152 -20.77 -3.42 -3.16
CA PHE B 152 -19.56 -3.41 -2.34
C PHE B 152 -19.88 -3.80 -0.90
N GLU B 153 -20.94 -3.23 -0.33
CA GLU B 153 -21.29 -3.59 1.04
C GLU B 153 -21.76 -5.03 1.14
N GLU B 154 -22.36 -5.57 0.08
CA GLU B 154 -22.74 -6.98 0.06
C GLU B 154 -21.52 -7.88 0.02
N LEU B 155 -20.46 -7.45 -0.67
CA LEU B 155 -19.21 -8.19 -0.65
C LEU B 155 -18.67 -8.29 0.78
N LEU B 156 -18.59 -7.15 1.47
CA LEU B 156 -18.04 -7.15 2.81
C LEU B 156 -18.93 -7.92 3.78
N THR B 157 -20.25 -7.91 3.56
CA THR B 157 -21.15 -8.65 4.43
C THR B 157 -20.88 -10.14 4.36
N ASP B 158 -20.78 -10.69 3.15
CA ASP B 158 -20.42 -12.09 3.01
C ASP B 158 -19.01 -12.37 3.51
N ASN B 159 -18.20 -11.32 3.73
CA ASN B 159 -16.86 -11.47 4.28
C ASN B 159 -16.87 -11.45 5.81
N ALA B 160 -18.05 -11.51 6.43
CA ALA B 160 -18.21 -11.48 7.87
C ALA B 160 -17.98 -10.09 8.45
N THR B 161 -18.04 -9.06 7.61
CA THR B 161 -17.89 -7.68 8.07
C THR B 161 -19.28 -7.12 8.38
N ARG B 162 -19.55 -6.88 9.66
CA ARG B 162 -20.82 -6.30 10.07
C ARG B 162 -20.79 -4.80 9.81
N ILE B 163 -21.64 -4.34 8.89
CA ILE B 163 -21.68 -2.94 8.47
C ILE B 163 -22.76 -2.21 9.25
N VAL B 164 -22.43 -1.00 9.68
CA VAL B 164 -23.35 -0.13 10.41
C VAL B 164 -23.08 1.29 9.93
N LYS B 165 -24.10 1.92 9.32
CA LYS B 165 -23.98 3.26 8.77
C LYS B 165 -24.78 4.23 9.62
N VAL B 166 -24.14 5.32 10.03
CA VAL B 166 -24.72 6.28 10.96
C VAL B 166 -24.67 7.67 10.35
N TYR B 167 -25.79 8.39 10.42
CA TYR B 167 -25.89 9.79 10.01
C TYR B 167 -26.22 10.62 11.24
N LEU B 168 -25.35 11.56 11.57
CA LEU B 168 -25.56 12.44 12.71
C LEU B 168 -26.44 13.62 12.29
N HIS B 169 -27.57 13.78 12.97
CA HIS B 169 -28.67 14.64 12.55
C HIS B 169 -28.81 15.82 13.51
N ILE B 170 -28.45 17.02 13.04
CA ILE B 170 -28.61 18.24 13.82
C ILE B 170 -29.44 19.24 13.02
N SER B 171 -29.95 20.24 13.73
CA SER B 171 -30.71 21.30 13.11
C SER B 171 -29.78 22.37 12.56
N PRO B 172 -30.26 23.20 11.64
CA PRO B 172 -29.42 24.33 11.19
C PRO B 172 -29.06 25.31 12.30
N GLU B 173 -29.98 25.55 13.24
CA GLU B 173 -29.69 26.51 14.31
C GLU B 173 -28.62 25.98 15.26
N GLU B 174 -28.70 24.70 15.62
CA GLU B 174 -27.64 24.10 16.44
C GLU B 174 -26.29 24.25 15.77
N GLN B 175 -26.23 24.02 14.46
CA GLN B 175 -25.00 24.26 13.71
C GLN B 175 -24.57 25.71 13.81
N LYS B 176 -25.52 26.64 13.69
CA LYS B 176 -25.18 28.06 13.74
C LYS B 176 -24.50 28.40 15.05
N GLU B 177 -25.09 27.94 16.17
CA GLU B 177 -24.52 28.23 17.48
C GLU B 177 -23.12 27.65 17.61
N ARG B 178 -22.94 26.40 17.18
CA ARG B 178 -21.64 25.75 17.32
C ARG B 178 -20.59 26.45 16.47
N LEU B 179 -20.96 26.85 15.25
CA LEU B 179 -20.01 27.57 14.41
C LEU B 179 -19.69 28.94 14.97
N GLN B 180 -20.72 29.68 15.43
CA GLN B 180 -20.46 30.97 16.04
C GLN B 180 -19.63 30.84 17.30
N ALA B 181 -19.76 29.72 18.02
CA ALA B 181 -18.95 29.51 19.21
C ALA B 181 -17.47 29.42 18.86
N ARG B 182 -17.15 28.75 17.75
CA ARG B 182 -15.77 28.66 17.32
C ARG B 182 -15.23 30.02 16.90
N LEU B 183 -16.08 30.89 16.36
CA LEU B 183 -15.65 32.25 16.03
C LEU B 183 -15.50 33.12 17.28
N ASP B 184 -16.11 32.73 18.40
CA ASP B 184 -16.11 33.55 19.61
C ASP B 184 -14.99 33.20 20.58
N ASN B 185 -14.53 31.96 20.57
CA ASN B 185 -13.47 31.54 21.47
C ASN B 185 -12.16 31.53 20.70
N PRO B 186 -11.17 32.36 21.08
CA PRO B 186 -9.90 32.34 20.34
C PRO B 186 -9.28 30.96 20.28
N GLY B 187 -9.44 30.17 21.34
CA GLY B 187 -8.89 28.83 21.36
C GLY B 187 -9.49 27.93 20.30
N LYS B 188 -10.63 28.31 19.73
CA LYS B 188 -11.33 27.49 18.75
C LYS B 188 -11.35 28.09 17.35
N HIS B 189 -10.68 29.23 17.13
CA HIS B 189 -10.62 29.79 15.78
C HIS B 189 -10.09 28.77 14.77
N TRP B 190 -9.18 27.89 15.20
CA TRP B 190 -8.53 26.98 14.27
C TRP B 190 -9.45 25.87 13.80
N LYS B 191 -10.57 25.63 14.49
CA LYS B 191 -11.52 24.60 14.09
C LYS B 191 -12.55 25.11 13.08
N PHE B 192 -12.50 26.39 12.71
CA PHE B 192 -13.44 27.00 11.78
C PHE B 192 -12.70 27.62 10.61
N ASN B 193 -13.30 27.52 9.43
CA ASN B 193 -12.83 28.19 8.22
C ASN B 193 -14.05 28.64 7.44
N PRO B 194 -13.94 29.71 6.64
CA PRO B 194 -15.11 30.18 5.91
C PRO B 194 -15.64 29.20 4.88
N GLY B 195 -14.85 28.22 4.46
CA GLY B 195 -15.34 27.23 3.53
C GLY B 195 -16.36 26.28 4.12
N ASP B 196 -16.34 26.11 5.45
CA ASP B 196 -17.39 25.37 6.14
C ASP B 196 -18.78 25.96 5.91
N LEU B 197 -18.88 27.22 5.49
CA LEU B 197 -20.17 27.86 5.29
C LEU B 197 -20.79 27.57 3.95
N LYS B 198 -20.03 27.06 2.98
CA LYS B 198 -20.59 26.79 1.66
C LYS B 198 -21.62 25.67 1.74
N ASP B 199 -21.25 24.52 2.32
CA ASP B 199 -22.20 23.42 2.45
C ASP B 199 -23.47 23.84 3.18
N ARG B 200 -23.36 24.77 4.13
CA ARG B 200 -24.55 25.24 4.85
C ARG B 200 -25.53 25.90 3.89
N SER B 201 -25.02 26.72 2.97
CA SER B 201 -25.89 27.42 2.03
C SER B 201 -26.63 26.45 1.10
N ASN B 202 -26.17 25.20 0.97
CA ASN B 202 -26.83 24.19 0.17
C ASN B 202 -27.46 23.10 1.04
N TRP B 203 -27.95 23.48 2.22
CA TRP B 203 -28.49 22.50 3.16
C TRP B 203 -29.55 21.61 2.51
N ASP B 204 -30.54 22.23 1.86
CA ASP B 204 -31.63 21.44 1.29
C ASP B 204 -31.18 20.57 0.14
N LYS B 205 -30.16 20.98 -0.61
CA LYS B 205 -29.63 20.10 -1.64
C LYS B 205 -28.99 18.86 -1.02
N PHE B 206 -28.32 19.03 0.12
CA PHE B 206 -27.75 17.89 0.82
C PHE B 206 -28.86 16.98 1.39
N ASN B 207 -29.99 17.56 1.79
CA ASN B 207 -31.13 16.74 2.20
C ASN B 207 -31.47 15.75 1.08
N ASP B 208 -31.56 16.26 -0.15
CA ASP B 208 -31.96 15.42 -1.27
C ASP B 208 -30.97 14.28 -1.47
N VAL B 209 -29.68 14.61 -1.57
CA VAL B 209 -28.68 13.58 -1.85
C VAL B 209 -28.49 12.66 -0.64
N TYR B 210 -28.63 13.19 0.59
CA TYR B 210 -28.54 12.32 1.75
C TYR B 210 -29.74 11.38 1.83
N GLU B 211 -30.93 11.90 1.55
CA GLU B 211 -32.11 11.03 1.53
C GLU B 211 -32.01 10.00 0.43
N ASP B 212 -31.40 10.35 -0.70
CA ASP B 212 -31.10 9.37 -1.73
C ASP B 212 -30.17 8.29 -1.18
N ALA B 213 -29.10 8.71 -0.50
CA ALA B 213 -28.12 7.76 0.01
C ALA B 213 -28.71 6.77 0.99
N LEU B 214 -29.70 7.20 1.78
CA LEU B 214 -30.28 6.31 2.78
C LEU B 214 -31.01 5.12 2.18
N THR B 215 -31.26 5.12 0.87
CA THR B 215 -31.98 4.01 0.25
C THR B 215 -31.16 2.75 0.17
N THR B 216 -29.87 2.80 0.51
CA THR B 216 -29.06 1.59 0.61
C THR B 216 -29.26 0.87 1.93
N SER B 217 -30.19 1.32 2.75
CA SER B 217 -30.41 0.71 4.05
C SER B 217 -31.11 -0.63 3.88
N THR B 218 -30.48 -1.69 4.36
CA THR B 218 -31.01 -3.05 4.28
C THR B 218 -30.95 -3.69 5.65
N ASP B 219 -31.45 -4.93 5.74
CA ASP B 219 -31.36 -5.66 7.00
C ASP B 219 -29.89 -5.90 7.38
N ASP B 220 -29.05 -6.18 6.38
CA ASP B 220 -27.65 -6.48 6.67
C ASP B 220 -26.79 -5.23 6.80
N ALA B 221 -27.13 -4.15 6.09
CA ALA B 221 -26.34 -2.92 6.09
C ALA B 221 -27.24 -1.72 6.35
N PRO B 222 -27.69 -1.54 7.59
CA PRO B 222 -28.65 -0.48 7.89
C PRO B 222 -28.02 0.89 8.09
N TRP B 223 -28.81 1.91 7.77
CA TRP B 223 -28.50 3.29 8.11
C TRP B 223 -29.17 3.65 9.43
N TYR B 224 -28.59 4.62 10.14
CA TYR B 224 -29.18 5.14 11.37
C TYR B 224 -29.16 6.66 11.33
N VAL B 225 -30.31 7.27 11.60
CA VAL B 225 -30.45 8.72 11.73
C VAL B 225 -30.48 9.04 13.22
N VAL B 226 -29.40 9.63 13.71
CA VAL B 226 -29.19 9.82 15.15
C VAL B 226 -29.40 11.30 15.48
N PRO B 227 -30.43 11.65 16.25
CA PRO B 227 -30.59 13.04 16.72
C PRO B 227 -29.39 13.47 17.54
N ALA B 228 -28.69 14.50 17.05
CA ALA B 228 -27.40 14.87 17.60
C ALA B 228 -27.33 16.28 18.16
N ASP B 229 -28.46 16.98 18.32
CA ASP B 229 -28.40 18.29 18.95
C ASP B 229 -27.77 18.20 20.33
N ARG B 230 -28.07 17.13 21.06
CA ARG B 230 -27.45 16.87 22.37
C ARG B 230 -26.27 15.94 22.18
N LYS B 231 -25.07 16.44 22.50
CA LYS B 231 -23.86 15.67 22.25
C LYS B 231 -23.80 14.43 23.13
N TRP B 232 -24.27 14.52 24.37
CA TRP B 232 -24.27 13.36 25.25
C TRP B 232 -25.18 12.26 24.72
N TYR B 233 -26.29 12.62 24.07
CA TYR B 233 -27.22 11.63 23.55
C TYR B 233 -26.67 10.96 22.29
N ARG B 234 -26.07 11.76 21.40
CA ARG B 234 -25.34 11.19 20.27
C ARG B 234 -24.43 10.05 20.72
N ASP B 235 -23.59 10.29 21.73
CA ASP B 235 -22.68 9.27 22.21
C ASP B 235 -23.44 8.06 22.78
N LEU B 236 -24.57 8.31 23.43
CA LEU B 236 -25.34 7.23 24.04
C LEU B 236 -25.98 6.33 22.98
N VAL B 237 -26.55 6.92 21.93
CA VAL B 237 -27.18 6.11 20.89
C VAL B 237 -26.14 5.33 20.11
N LEU B 238 -25.04 6.00 19.74
CA LEU B 238 -23.98 5.30 19.02
C LEU B 238 -23.37 4.20 19.88
N SER B 239 -23.21 4.46 21.18
CA SER B 239 -22.78 3.41 22.09
C SER B 239 -23.71 2.21 22.02
N HIS B 240 -25.02 2.46 21.96
CA HIS B 240 -26.00 1.37 21.91
C HIS B 240 -25.96 0.63 20.58
N ILE B 241 -25.80 1.37 19.48
CA ILE B 241 -25.81 0.75 18.15
C ILE B 241 -24.66 -0.23 17.98
N LEU B 242 -23.45 0.19 18.36
CA LEU B 242 -22.28 -0.66 18.15
C LEU B 242 -22.25 -1.83 19.11
N LEU B 243 -22.67 -1.61 20.36
CA LEU B 243 -22.71 -2.71 21.32
C LEU B 243 -23.73 -3.76 20.92
N GLY B 244 -24.88 -3.33 20.38
CA GLY B 244 -25.85 -4.30 19.90
C GLY B 244 -25.32 -5.14 18.76
N ALA B 245 -24.57 -4.52 17.85
CA ALA B 245 -23.95 -5.28 16.78
C ALA B 245 -22.93 -6.26 17.34
N LEU B 246 -22.04 -5.78 18.21
CA LEU B 246 -21.04 -6.66 18.79
C LEU B 246 -21.68 -7.82 19.54
N LYS B 247 -22.77 -7.55 20.27
CA LYS B 247 -23.43 -8.61 21.00
C LYS B 247 -24.07 -9.62 20.06
N ASP B 248 -24.65 -9.15 18.95
CA ASP B 248 -25.26 -10.05 17.99
C ASP B 248 -24.22 -10.83 17.19
N MET B 249 -23.07 -10.21 16.91
CA MET B 249 -21.99 -10.95 16.26
C MET B 249 -21.50 -12.08 17.17
N ASN B 250 -21.56 -11.85 18.48
CA ASN B 250 -21.29 -12.87 19.49
C ASN B 250 -19.98 -13.62 19.21
N PRO B 251 -18.86 -12.92 19.17
CA PRO B 251 -17.57 -13.61 18.98
C PRO B 251 -17.21 -14.43 20.21
N GLN B 252 -16.68 -15.62 19.97
CA GLN B 252 -16.32 -16.55 21.03
C GLN B 252 -14.82 -16.64 21.13
N PHE B 253 -14.31 -16.73 22.36
CA PHE B 253 -12.88 -16.96 22.54
C PHE B 253 -12.51 -18.27 21.86
N PRO B 254 -11.31 -18.38 21.31
CA PRO B 254 -10.97 -19.59 20.55
C PRO B 254 -10.75 -20.76 21.49
N ALA B 255 -11.17 -21.93 21.04
CA ALA B 255 -10.94 -23.14 21.80
C ALA B 255 -9.46 -23.51 21.75
N ILE B 256 -9.05 -24.38 22.67
CA ILE B 256 -7.68 -24.85 22.74
C ILE B 256 -7.66 -26.34 22.42
N ASP B 257 -6.47 -26.80 22.01
CA ASP B 257 -6.26 -28.18 21.61
C ASP B 257 -5.22 -28.86 22.50
N TYR B 258 -5.15 -28.41 23.75
CA TYR B 258 -4.23 -28.95 24.73
C TYR B 258 -4.88 -28.86 26.10
N ASP B 259 -4.27 -29.51 27.08
CA ASP B 259 -4.78 -29.50 28.44
C ASP B 259 -3.98 -28.46 29.22
N PRO B 260 -4.57 -27.31 29.58
CA PRO B 260 -3.77 -26.28 30.26
C PRO B 260 -3.11 -26.77 31.55
N SER B 261 -3.80 -27.60 32.32
CA SER B 261 -3.26 -28.05 33.59
C SER B 261 -2.01 -28.90 33.40
N LYS B 262 -1.89 -29.56 32.25
CA LYS B 262 -0.78 -30.47 31.97
C LYS B 262 0.43 -29.78 31.36
N VAL B 263 0.41 -28.46 31.25
CA VAL B 263 1.54 -27.71 30.74
C VAL B 263 2.55 -27.50 31.86
N VAL B 264 3.81 -27.79 31.59
CA VAL B 264 4.89 -27.67 32.55
C VAL B 264 5.84 -26.58 32.07
N ILE B 265 5.81 -25.43 32.74
CA ILE B 265 6.70 -24.32 32.40
C ILE B 265 8.05 -24.60 33.05
N HIS B 266 8.96 -25.20 32.28
CA HIS B 266 10.30 -25.66 32.69
C HIS B 266 10.40 -27.17 32.44
N MET C 1 10.36 9.73 41.76
N MET C 1 10.86 10.07 42.12
CA MET C 1 11.76 9.43 41.33
CA MET C 1 11.56 9.23 41.10
C MET C 1 12.07 10.08 39.98
C MET C 1 12.04 10.08 39.93
N ASP C 2 13.26 9.80 39.47
CA ASP C 2 13.79 10.41 38.26
C ASP C 2 13.59 9.45 37.11
N ILE C 3 12.81 9.87 36.11
CA ILE C 3 12.56 9.01 34.96
C ILE C 3 13.82 8.82 34.12
N ASP C 4 14.77 9.74 34.22
CA ASP C 4 15.98 9.67 33.42
C ASP C 4 16.95 8.59 33.89
N ASN C 5 16.79 8.10 35.13
CA ASN C 5 17.62 6.98 35.58
C ASN C 5 17.34 5.72 34.78
N TYR C 6 16.19 5.65 34.10
CA TYR C 6 15.82 4.51 33.28
C TYR C 6 16.27 4.66 31.83
N ARG C 7 16.95 5.74 31.48
CA ARG C 7 17.40 5.99 30.11
C ARG C 7 18.83 5.50 29.91
N VAL C 8 19.02 4.67 28.88
CA VAL C 8 20.35 4.20 28.50
C VAL C 8 21.12 5.40 27.93
N LYS C 9 22.14 5.84 28.65
CA LYS C 9 22.88 7.02 28.21
C LYS C 9 23.74 6.66 26.99
N PRO C 10 23.93 7.60 26.07
CA PRO C 10 24.67 7.26 24.84
C PRO C 10 26.09 6.82 25.13
N GLY C 11 26.55 5.81 24.39
CA GLY C 11 27.93 5.39 24.43
C GLY C 11 28.27 4.46 25.58
N LYS C 12 27.33 4.17 26.47
CA LYS C 12 27.55 3.32 27.62
C LYS C 12 26.82 2.00 27.41
N ARG C 13 27.59 0.93 27.24
CA ARG C 13 26.99 -0.40 27.14
C ARG C 13 26.21 -0.71 28.42
N VAL C 14 25.28 -1.66 28.30
CA VAL C 14 24.34 -1.97 29.37
C VAL C 14 24.50 -3.44 29.76
N LYS C 15 24.25 -3.71 31.03
CA LYS C 15 24.08 -5.05 31.55
C LYS C 15 22.71 -5.08 32.21
N LEU C 16 21.83 -5.97 31.76
CA LEU C 16 20.47 -5.96 32.29
C LEU C 16 20.44 -6.26 33.79
N SER C 17 21.37 -7.07 34.29
CA SER C 17 21.39 -7.38 35.72
C SER C 17 21.59 -6.13 36.58
N ASP C 18 22.15 -5.06 36.01
CA ASP C 18 22.33 -3.82 36.75
C ASP C 18 21.05 -2.99 36.86
N TRP C 19 19.98 -3.42 36.21
CA TRP C 19 18.68 -2.74 36.25
C TRP C 19 17.68 -3.57 37.04
N ALA C 20 16.94 -2.89 37.91
CA ALA C 20 15.90 -3.53 38.70
C ALA C 20 14.66 -3.82 37.86
N THR C 21 13.90 -4.83 38.28
CA THR C 21 12.69 -5.21 37.58
C THR C 21 11.41 -4.76 38.27
N ASN C 22 11.46 -4.38 39.55
CA ASN C 22 10.23 -4.11 40.30
C ASN C 22 10.34 -2.84 41.13
N ASP C 23 10.92 -1.79 40.58
CA ASP C 23 10.93 -0.50 41.28
C ASP C 23 9.49 -0.02 41.50
N ASP C 24 9.33 0.87 42.50
CA ASP C 24 8.03 1.50 42.73
C ASP C 24 8.12 2.95 43.18
N ALA C 25 9.32 3.50 43.36
CA ALA C 25 9.48 4.92 43.70
C ALA C 25 8.81 5.28 45.02
N GLY C 26 8.63 4.32 45.91
CA GLY C 26 7.98 4.58 47.18
C GLY C 26 6.52 4.94 47.05
N LEU C 27 5.86 4.44 46.00
CA LEU C 27 4.44 4.66 45.79
C LEU C 27 3.70 3.33 45.92
N SER C 28 2.48 3.40 46.44
CA SER C 28 1.59 2.26 46.47
C SER C 28 0.93 2.06 45.10
N LYS C 29 0.36 0.88 44.91
CA LYS C 29 -0.40 0.63 43.68
C LYS C 29 -1.48 1.67 43.48
N GLU C 30 -2.08 2.13 44.57
CA GLU C 30 -3.18 3.08 44.48
C GLU C 30 -2.67 4.47 44.12
N GLU C 31 -1.60 4.92 44.79
CA GLU C 31 -1.02 6.22 44.46
C GLU C 31 -0.47 6.23 43.04
N GLY C 32 0.09 5.11 42.59
CA GLY C 32 0.58 5.04 41.22
C GLY C 32 -0.54 5.12 40.20
N GLN C 33 -1.53 4.24 40.34
CA GLN C 33 -2.67 4.25 39.42
C GLN C 33 -3.36 5.61 39.40
N ALA C 34 -3.49 6.24 40.57
CA ALA C 34 -4.11 7.57 40.62
C ALA C 34 -3.32 8.58 39.81
N GLN C 35 -1.99 8.56 39.93
CA GLN C 35 -1.18 9.50 39.17
C GLN C 35 -1.28 9.19 37.68
N THR C 36 -1.31 7.91 37.32
CA THR C 36 -1.47 7.54 35.92
C THR C 36 -2.78 8.08 35.35
N ALA C 37 -3.83 8.12 36.19
CA ALA C 37 -5.10 8.66 35.73
C ALA C 37 -5.02 10.16 35.51
N LYS C 38 -4.31 10.86 36.40
CA LYS C 38 -4.12 12.30 36.20
C LYS C 38 -3.32 12.58 34.94
N LEU C 39 -2.33 11.72 34.65
CA LEU C 39 -1.51 11.89 33.46
C LEU C 39 -2.26 11.52 32.19
N ALA C 40 -3.26 10.64 32.31
CA ALA C 40 -4.06 10.30 31.14
C ALA C 40 -4.69 11.54 30.51
N GLY C 41 -5.14 12.48 31.35
CA GLY C 41 -5.75 13.69 30.82
C GLY C 41 -4.76 14.61 30.13
N GLU C 42 -3.56 14.75 30.70
CA GLU C 42 -2.55 15.58 30.06
C GLU C 42 -2.10 14.98 28.73
N LEU C 43 -1.89 13.67 28.68
CA LEU C 43 -1.54 13.01 27.42
C LEU C 43 -2.55 13.34 26.33
N ALA C 44 -3.83 13.39 26.69
CA ALA C 44 -4.87 13.67 25.70
C ALA C 44 -4.83 15.13 25.25
N GLU C 45 -4.69 16.06 26.19
CA GLU C 45 -4.65 17.47 25.83
C GLU C 45 -3.47 17.77 24.90
N TRP C 46 -2.31 17.16 25.18
CA TRP C 46 -1.11 17.42 24.39
C TRP C 46 -1.12 16.64 23.09
N GLN C 47 -1.75 15.47 23.06
CA GLN C 47 -1.88 14.75 21.79
C GLN C 47 -2.77 15.51 20.82
N GLU C 48 -3.75 16.25 21.32
CA GLU C 48 -4.58 17.08 20.46
C GLU C 48 -3.78 18.23 19.85
N ARG C 49 -2.93 18.88 20.65
CA ARG C 49 -2.12 19.97 20.12
C ARG C 49 -1.19 19.45 19.03
N LEU C 50 -0.66 18.24 19.21
CA LEU C 50 0.18 17.63 18.19
C LEU C 50 -0.59 17.48 16.88
N TYR C 51 -1.84 17.00 16.95
CA TYR C 51 -2.62 16.80 15.73
C TYR C 51 -3.05 18.13 15.13
N ALA C 52 -3.39 19.11 15.97
CA ALA C 52 -3.80 20.41 15.45
C ALA C 52 -2.67 21.09 14.70
N GLU C 53 -1.43 20.96 15.20
CA GLU C 53 -0.31 21.65 14.57
C GLU C 53 0.06 21.01 13.23
N GLY C 54 0.11 19.69 13.17
CA GLY C 54 0.37 19.00 11.92
C GLY C 54 1.77 19.16 11.38
N LYS C 55 2.78 19.28 12.25
CA LYS C 55 4.16 19.42 11.85
C LYS C 55 5.08 18.30 12.31
N GLN C 56 4.77 17.68 13.45
CA GLN C 56 5.63 16.67 14.06
C GLN C 56 4.87 15.36 14.21
N SER C 57 5.59 14.34 14.68
CA SER C 57 5.00 13.04 14.96
C SER C 57 5.81 12.37 16.06
N LEU C 58 5.19 11.41 16.72
CA LEU C 58 5.78 10.69 17.83
C LEU C 58 5.76 9.20 17.50
N LEU C 59 6.91 8.54 17.67
CA LEU C 59 7.03 7.12 17.38
C LEU C 59 7.49 6.39 18.63
N LEU C 60 6.61 5.52 19.15
CA LEU C 60 6.93 4.68 20.30
C LEU C 60 7.31 3.28 19.81
N ILE C 61 8.47 2.82 20.20
CA ILE C 61 8.96 1.50 19.84
C ILE C 61 8.95 0.65 21.10
N LEU C 62 8.07 -0.36 21.12
CA LEU C 62 7.90 -1.23 22.27
C LEU C 62 8.57 -2.57 21.99
N GLN C 63 9.55 -2.92 22.81
CA GLN C 63 10.23 -4.20 22.73
C GLN C 63 10.20 -4.85 24.10
N ALA C 64 9.92 -6.15 24.13
CA ALA C 64 9.82 -6.84 25.41
C ALA C 64 9.62 -8.33 25.15
N ARG C 65 9.79 -9.11 26.21
CA ARG C 65 9.64 -10.55 26.14
C ARG C 65 8.18 -10.93 26.36
N ASP C 66 7.90 -12.22 26.30
CA ASP C 66 6.53 -12.70 26.44
C ASP C 66 6.01 -12.41 27.84
N ALA C 67 4.78 -11.92 27.92
CA ALA C 67 4.11 -11.60 29.18
C ALA C 67 4.75 -10.44 29.91
N ALA C 68 5.50 -9.59 29.20
CA ALA C 68 6.17 -8.47 29.84
C ALA C 68 5.26 -7.27 29.99
N GLY C 69 4.28 -7.11 29.10
CA GLY C 69 3.29 -6.07 29.25
C GLY C 69 3.13 -5.11 28.08
N LYS C 70 3.55 -5.51 26.88
CA LYS C 70 3.36 -4.64 25.73
C LYS C 70 1.87 -4.37 25.52
N ASP C 71 1.06 -5.43 25.44
CA ASP C 71 -0.36 -5.29 25.17
C ASP C 71 -1.06 -4.47 26.25
N GLY C 72 -0.67 -4.66 27.51
CA GLY C 72 -1.30 -3.91 28.58
C GLY C 72 -0.89 -2.46 28.62
N ALA C 73 0.35 -2.16 28.25
CA ALA C 73 0.80 -0.78 28.19
C ALA C 73 0.07 -0.01 27.10
N VAL C 74 -0.15 -0.65 25.95
CA VAL C 74 -0.89 -0.01 24.88
C VAL C 74 -2.34 0.19 25.29
N LYS C 75 -2.96 -0.84 25.87
CA LYS C 75 -4.37 -0.76 26.24
C LYS C 75 -4.62 0.34 27.27
N LYS C 76 -3.66 0.59 28.16
CA LYS C 76 -3.84 1.57 29.23
C LYS C 76 -3.32 2.95 28.86
N VAL C 77 -2.08 3.03 28.37
CA VAL C 77 -1.45 4.33 28.13
C VAL C 77 -1.80 4.86 26.75
N ILE C 78 -1.53 4.07 25.71
CA ILE C 78 -1.90 4.50 24.36
C ILE C 78 -3.40 4.66 24.24
N GLY C 79 -4.17 3.97 25.09
CA GLY C 79 -5.61 4.16 25.11
C GLY C 79 -6.05 5.53 25.59
N ALA C 80 -5.15 6.31 26.19
CA ALA C 80 -5.52 7.65 26.63
C ALA C 80 -5.67 8.60 25.45
N PHE C 81 -4.95 8.33 24.36
CA PHE C 81 -4.99 9.22 23.21
C PHE C 81 -6.30 9.06 22.45
N ASN C 82 -6.64 10.08 21.68
CA ASN C 82 -7.74 9.98 20.72
C ASN C 82 -7.35 8.95 19.68
N PRO C 83 -8.09 7.84 19.54
CA PRO C 83 -7.69 6.80 18.58
C PRO C 83 -7.62 7.31 17.14
N ALA C 84 -8.20 8.49 16.86
CA ALA C 84 -8.12 9.05 15.52
C ALA C 84 -6.76 9.64 15.22
N GLY C 85 -5.94 9.88 16.24
CA GLY C 85 -4.60 10.42 16.06
C GLY C 85 -3.50 9.42 16.36
N VAL C 86 -3.81 8.13 16.26
CA VAL C 86 -2.87 7.08 16.63
C VAL C 86 -2.81 6.03 15.52
N GLN C 87 -1.64 5.41 15.38
CA GLN C 87 -1.42 4.34 14.42
C GLN C 87 -0.56 3.29 15.11
N ILE C 88 -1.12 2.11 15.34
CA ILE C 88 -0.43 1.04 16.03
C ILE C 88 -0.18 -0.09 15.03
N THR C 89 1.01 -0.68 15.11
CA THR C 89 1.41 -1.76 14.21
C THR C 89 2.10 -2.84 15.04
N SER C 90 1.64 -4.07 14.91
CA SER C 90 2.20 -5.20 15.62
C SER C 90 2.95 -6.06 14.60
N PHE C 91 4.28 -6.00 14.64
CA PHE C 91 5.11 -6.71 13.68
C PHE C 91 5.29 -8.16 14.10
N LYS C 92 4.79 -9.08 13.28
CA LYS C 92 4.96 -10.51 13.48
C LYS C 92 5.95 -11.05 12.44
N GLN C 93 5.95 -12.35 12.23
CA GLN C 93 6.92 -12.95 11.32
C GLN C 93 6.74 -12.37 9.92
N PRO C 94 7.83 -12.00 9.24
CA PRO C 94 7.68 -11.39 7.91
C PRO C 94 7.02 -12.33 6.93
N SER C 95 6.15 -11.76 6.11
CA SER C 95 5.50 -12.51 5.04
C SER C 95 6.49 -12.77 3.91
N ALA C 96 6.04 -13.52 2.90
CA ALA C 96 6.90 -13.81 1.75
C ALA C 96 7.25 -12.54 1.00
N GLU C 97 6.27 -11.65 0.78
CA GLU C 97 6.57 -10.40 0.10
C GLU C 97 7.50 -9.54 0.93
N GLU C 98 7.29 -9.51 2.25
CA GLU C 98 8.15 -8.70 3.10
C GLU C 98 9.58 -9.21 3.08
N LEU C 99 9.77 -10.53 2.98
CA LEU C 99 11.13 -11.07 2.92
C LEU C 99 11.81 -10.78 1.59
N SER C 100 11.05 -10.54 0.53
CA SER C 100 11.65 -10.21 -0.76
C SER C 100 12.23 -8.80 -0.79
N HIS C 101 12.09 -8.04 0.27
CA HIS C 101 12.66 -6.70 0.38
C HIS C 101 13.64 -6.66 1.55
N ASP C 102 14.40 -5.57 1.64
CA ASP C 102 15.26 -5.36 2.79
C ASP C 102 14.43 -5.40 4.07
N PHE C 103 15.11 -5.58 5.20
CA PHE C 103 14.40 -5.82 6.46
C PHE C 103 13.70 -4.58 6.99
N LEU C 104 14.03 -3.40 6.48
CA LEU C 104 13.38 -2.16 6.89
C LEU C 104 12.26 -1.76 5.95
N TRP C 105 12.04 -2.50 4.87
CA TRP C 105 10.98 -2.17 3.93
C TRP C 105 9.63 -2.10 4.63
N ARG C 106 9.22 -3.21 5.26
CA ARG C 106 7.94 -3.24 5.95
C ARG C 106 7.89 -2.30 7.14
N ILE C 107 9.05 -1.95 7.72
CA ILE C 107 9.08 -1.04 8.85
C ILE C 107 8.81 0.38 8.37
N HIS C 108 9.57 0.84 7.36
CA HIS C 108 9.43 2.21 6.89
C HIS C 108 8.01 2.52 6.44
N GLN C 109 7.31 1.53 5.87
CA GLN C 109 5.95 1.77 5.41
C GLN C 109 5.04 2.27 6.52
N LYS C 110 5.35 1.93 7.76
CA LYS C 110 4.50 2.23 8.90
C LYS C 110 4.98 3.43 9.73
N ALA C 111 5.94 4.19 9.22
CA ALA C 111 6.37 5.38 9.94
C ALA C 111 5.21 6.37 10.05
N PRO C 112 5.05 7.04 11.19
CA PRO C 112 3.87 7.89 11.38
C PRO C 112 3.94 9.15 10.53
N ALA C 113 2.75 9.59 10.09
CA ALA C 113 2.62 10.83 9.34
C ALA C 113 2.56 12.01 10.31
N LYS C 114 2.80 13.20 9.76
CA LYS C 114 2.76 14.43 10.56
C LYS C 114 1.45 14.52 11.32
N GLY C 115 1.55 14.84 12.62
CA GLY C 115 0.39 14.97 13.48
C GLY C 115 -0.02 13.71 14.23
N TYR C 116 0.60 12.58 13.94
CA TYR C 116 0.18 11.30 14.48
C TYR C 116 1.15 10.78 15.55
N VAL C 117 0.64 9.88 16.38
CA VAL C 117 1.43 9.10 17.32
C VAL C 117 1.50 7.67 16.77
N GLY C 118 2.72 7.17 16.59
CA GLY C 118 2.94 5.82 16.06
C GLY C 118 3.50 4.91 17.12
N VAL C 119 3.06 3.65 17.10
CA VAL C 119 3.50 2.65 18.06
C VAL C 119 3.88 1.39 17.30
N PHE C 120 5.05 0.83 17.63
CA PHE C 120 5.52 -0.42 17.06
C PHE C 120 5.57 -1.45 18.19
N ASN C 121 4.58 -2.33 18.24
CA ASN C 121 4.62 -3.47 19.16
C ASN C 121 5.52 -4.53 18.53
N ARG C 122 6.76 -4.59 19.01
CA ARG C 122 7.88 -5.21 18.28
C ARG C 122 8.16 -4.34 17.07
N SER C 123 9.42 -4.28 16.64
CA SER C 123 9.81 -3.29 15.65
C SER C 123 10.97 -3.84 14.81
N GLN C 124 11.74 -2.94 14.20
CA GLN C 124 12.89 -3.34 13.39
C GLN C 124 13.93 -4.10 14.20
N TYR C 125 13.92 -3.96 15.52
CA TYR C 125 14.93 -4.61 16.35
C TYR C 125 14.72 -6.13 16.40
N GLU C 126 13.53 -6.62 16.08
CA GLU C 126 13.34 -8.06 15.94
C GLU C 126 14.34 -8.66 14.95
N ASP C 127 14.73 -7.89 13.93
CA ASP C 127 15.63 -8.42 12.92
C ASP C 127 17.06 -8.61 13.43
N VAL C 128 17.37 -8.16 14.64
CA VAL C 128 18.67 -8.41 15.25
C VAL C 128 18.48 -9.00 16.64
N LEU C 129 17.32 -9.62 16.88
CA LEU C 129 17.03 -10.26 18.16
C LEU C 129 16.74 -11.74 17.94
N VAL C 130 15.47 -12.09 17.70
CA VAL C 130 15.11 -13.49 17.46
C VAL C 130 15.93 -14.05 16.31
N THR C 131 16.30 -13.21 15.35
CA THR C 131 17.06 -13.68 14.20
C THR C 131 18.44 -14.20 14.59
N ARG C 132 19.00 -13.71 15.70
CA ARG C 132 20.32 -14.13 16.13
C ARG C 132 20.29 -15.35 17.04
N VAL C 133 19.38 -15.35 18.02
CA VAL C 133 19.31 -16.44 18.98
C VAL C 133 19.21 -17.78 18.27
N TYR C 134 18.53 -17.81 17.12
CA TYR C 134 18.30 -19.05 16.38
C TYR C 134 19.08 -19.11 15.08
N ASP C 135 20.17 -18.37 14.98
CA ASP C 135 21.15 -18.52 13.91
C ASP C 135 20.52 -18.35 12.53
N MET C 136 19.58 -17.40 12.42
CA MET C 136 19.11 -16.99 11.10
C MET C 136 20.11 -16.06 10.43
N ILE C 137 20.89 -15.33 11.22
CA ILE C 137 21.94 -14.46 10.72
C ILE C 137 23.17 -14.64 11.58
N ASP C 138 24.30 -14.13 11.10
CA ASP C 138 25.56 -14.21 11.80
C ASP C 138 25.87 -12.87 12.46
N ASP C 139 26.99 -12.83 13.19
CA ASP C 139 27.36 -11.61 13.90
C ASP C 139 27.60 -10.47 12.92
N LYS C 140 28.22 -10.76 11.77
CA LYS C 140 28.47 -9.72 10.77
C LYS C 140 27.17 -9.07 10.32
N THR C 141 26.19 -9.89 9.92
CA THR C 141 24.91 -9.33 9.50
C THR C 141 24.25 -8.54 10.63
N ALA C 142 24.31 -9.06 11.85
CA ALA C 142 23.68 -8.38 12.98
C ALA C 142 24.27 -6.98 13.17
N LYS C 143 25.61 -6.88 13.12
CA LYS C 143 26.26 -5.58 13.33
C LYS C 143 25.85 -4.57 12.26
N ARG C 144 25.89 -4.99 10.99
CA ARG C 144 25.56 -4.06 9.91
C ARG C 144 24.10 -3.64 9.97
N ARG C 145 23.21 -4.59 10.27
CA ARG C 145 21.79 -4.25 10.40
C ARG C 145 21.58 -3.23 11.51
N LEU C 146 22.36 -3.32 12.58
CA LEU C 146 22.25 -2.33 13.65
C LEU C 146 22.64 -0.95 13.16
N GLU C 147 23.64 -0.86 12.27
CA GLU C 147 23.98 0.42 11.68
C GLU C 147 22.85 0.93 10.79
N HIS C 148 22.23 0.02 10.03
CA HIS C 148 21.12 0.44 9.18
C HIS C 148 19.95 0.95 10.00
N ILE C 149 19.75 0.38 11.20
CA ILE C 149 18.65 0.81 12.05
C ILE C 149 18.94 2.20 12.62
N ARG C 150 20.19 2.47 13.00
CA ARG C 150 20.57 3.79 13.46
C ARG C 150 20.35 4.83 12.36
N HIS C 151 20.79 4.52 11.14
CA HIS C 151 20.58 5.44 10.03
C HIS C 151 19.09 5.68 9.79
N PHE C 152 18.29 4.63 9.86
CA PHE C 152 16.85 4.78 9.66
C PHE C 152 16.25 5.70 10.72
N GLU C 153 16.64 5.51 11.98
CA GLU C 153 16.12 6.37 13.04
C GLU C 153 16.63 7.79 12.90
N GLU C 154 17.82 7.98 12.32
CA GLU C 154 18.31 9.32 12.05
C GLU C 154 17.50 10.00 10.96
N LEU C 155 17.07 9.22 9.95
CA LEU C 155 16.22 9.76 8.89
C LEU C 155 14.91 10.30 9.46
N LEU C 156 14.23 9.49 10.26
CA LEU C 156 12.94 9.91 10.83
C LEU C 156 13.13 11.04 11.83
N THR C 157 14.28 11.10 12.51
CA THR C 157 14.53 12.19 13.43
C THR C 157 14.59 13.52 12.68
N ASP C 158 15.36 13.57 11.59
CA ASP C 158 15.37 14.77 10.77
C ASP C 158 14.02 15.06 10.11
N ASN C 159 13.08 14.11 10.15
CA ASN C 159 11.73 14.27 9.65
C ASN C 159 10.79 14.83 10.71
N ALA C 160 11.32 15.27 11.85
CA ALA C 160 10.53 15.81 12.95
C ALA C 160 9.75 14.72 13.68
N THR C 161 10.16 13.47 13.53
CA THR C 161 9.55 12.35 14.24
C THR C 161 10.34 12.11 15.53
N ARG C 162 9.71 12.37 16.67
CA ARG C 162 10.36 12.12 17.96
C ARG C 162 10.33 10.63 18.22
N ILE C 163 11.50 10.01 18.31
CA ILE C 163 11.62 8.58 18.48
C ILE C 163 11.85 8.29 19.96
N VAL C 164 11.14 7.29 20.47
CA VAL C 164 11.26 6.86 21.86
C VAL C 164 11.15 5.34 21.89
N LYS C 165 12.20 4.68 22.36
CA LYS C 165 12.24 3.22 22.42
C LYS C 165 12.16 2.78 23.87
N VAL C 166 11.24 1.86 24.17
CA VAL C 166 10.99 1.43 25.53
C VAL C 166 11.13 -0.08 25.57
N TYR C 167 11.90 -0.59 26.55
CA TYR C 167 12.06 -2.01 26.77
C TYR C 167 11.47 -2.36 28.13
N LEU C 168 10.47 -3.24 28.12
CA LEU C 168 9.82 -3.68 29.35
C LEU C 168 10.63 -4.82 29.96
N HIS C 169 11.13 -4.60 31.17
CA HIS C 169 12.15 -5.44 31.78
C HIS C 169 11.53 -6.14 32.99
N ILE C 170 11.32 -7.45 32.86
CA ILE C 170 10.77 -8.25 33.95
C ILE C 170 11.71 -9.41 34.26
N SER C 171 11.51 -10.01 35.43
CA SER C 171 12.30 -11.15 35.87
C SER C 171 11.74 -12.45 35.32
N PRO C 172 12.57 -13.51 35.27
CA PRO C 172 12.03 -14.83 34.89
C PRO C 172 10.98 -15.32 35.86
N GLU C 173 11.08 -14.96 37.14
CA GLU C 173 10.09 -15.39 38.12
C GLU C 173 8.76 -14.68 37.94
N GLU C 174 8.79 -13.46 37.41
CA GLU C 174 7.54 -12.75 37.13
C GLU C 174 6.89 -13.29 35.86
N GLN C 175 7.69 -13.54 34.83
CA GLN C 175 7.16 -14.16 33.62
C GLN C 175 6.54 -15.52 33.94
N LYS C 176 7.19 -16.29 34.80
CA LYS C 176 6.67 -17.60 35.17
C LYS C 176 5.27 -17.49 35.74
N GLU C 177 5.05 -16.53 36.65
CA GLU C 177 3.73 -16.33 37.22
C GLU C 177 2.72 -15.94 36.16
N ARG C 178 3.09 -14.97 35.31
CA ARG C 178 2.13 -14.47 34.32
C ARG C 178 1.77 -15.55 33.30
N LEU C 179 2.74 -16.34 32.84
CA LEU C 179 2.43 -17.42 31.91
C LEU C 179 1.62 -18.51 32.60
N GLN C 180 2.01 -18.91 33.81
CA GLN C 180 1.25 -19.90 34.54
C GLN C 180 -0.15 -19.40 34.86
N ALA C 181 -0.31 -18.09 35.09
CA ALA C 181 -1.63 -17.54 35.38
C ALA C 181 -2.56 -17.67 34.17
N ARG C 182 -2.04 -17.44 32.97
CA ARG C 182 -2.86 -17.55 31.77
C ARG C 182 -3.31 -18.98 31.53
N LEU C 183 -2.48 -19.96 31.91
CA LEU C 183 -2.84 -21.36 31.74
C LEU C 183 -3.89 -21.81 32.76
N ASP C 184 -4.04 -21.09 33.88
CA ASP C 184 -4.97 -21.50 34.92
C ASP C 184 -6.33 -20.83 34.83
N ASN C 185 -6.39 -19.58 34.35
CA ASN C 185 -7.65 -18.85 34.27
C ASN C 185 -8.14 -18.82 32.83
N PRO C 186 -9.29 -19.41 32.50
CA PRO C 186 -9.78 -19.34 31.11
C PRO C 186 -9.90 -17.91 30.59
N GLY C 187 -10.33 -17.75 29.35
CA GLY C 187 -10.42 -16.46 28.70
C GLY C 187 -9.09 -15.90 28.26
N LYS C 188 -7.99 -16.36 28.83
CA LYS C 188 -6.64 -15.94 28.46
C LYS C 188 -5.84 -17.09 27.89
N HIS C 189 -6.45 -18.26 27.73
CA HIS C 189 -5.76 -19.40 27.13
C HIS C 189 -5.18 -19.04 25.77
N TRP C 190 -5.84 -18.14 25.04
CA TRP C 190 -5.41 -17.82 23.68
C TRP C 190 -4.14 -16.98 23.66
N LYS C 191 -3.75 -16.40 24.80
CA LYS C 191 -2.53 -15.62 24.89
C LYS C 191 -1.28 -16.47 25.09
N PHE C 192 -1.42 -17.79 25.15
CA PHE C 192 -0.29 -18.69 25.39
C PHE C 192 -0.10 -19.60 24.18
N ASN C 193 1.15 -19.86 23.84
CA ASN C 193 1.52 -20.75 22.75
C ASN C 193 2.79 -21.52 23.10
N PRO C 194 2.96 -22.73 22.55
CA PRO C 194 4.16 -23.53 22.86
C PRO C 194 5.45 -23.01 22.26
N GLY C 195 5.52 -21.71 21.99
CA GLY C 195 6.72 -21.08 21.50
C GLY C 195 7.24 -20.08 22.51
N ASP C 196 6.31 -19.56 23.31
CA ASP C 196 6.69 -18.75 24.47
C ASP C 196 7.63 -19.51 25.40
N LEU C 197 7.60 -20.84 25.35
CA LEU C 197 8.49 -21.65 26.19
C LEU C 197 9.84 -21.87 25.53
N LYS C 198 9.92 -21.77 24.20
CA LYS C 198 11.22 -21.88 23.53
C LYS C 198 12.06 -20.65 23.81
N ASP C 199 11.51 -19.46 23.54
CA ASP C 199 12.22 -18.23 23.84
C ASP C 199 12.60 -18.15 25.31
N ARG C 200 11.77 -18.71 26.19
CA ARG C 200 12.10 -18.66 27.61
C ARG C 200 13.38 -19.42 27.90
N SER C 201 13.55 -20.59 27.28
CA SER C 201 14.75 -21.38 27.51
C SER C 201 16.01 -20.69 27.03
N ASN C 202 15.88 -19.66 26.18
CA ASN C 202 17.02 -18.88 25.70
C ASN C 202 17.04 -17.49 26.32
N TRP C 203 16.61 -17.38 27.58
CA TRP C 203 16.60 -16.09 28.26
C TRP C 203 17.98 -15.45 28.22
N ASP C 204 19.01 -16.22 28.57
CA ASP C 204 20.36 -15.65 28.67
C ASP C 204 20.87 -15.19 27.31
N LYS C 205 20.48 -15.87 26.23
CA LYS C 205 20.85 -15.41 24.91
C LYS C 205 20.15 -14.10 24.56
N PHE C 206 18.88 -13.95 24.96
CA PHE C 206 18.17 -12.71 24.69
C PHE C 206 18.75 -11.54 25.48
N ASN C 207 19.29 -11.79 26.67
CA ASN C 207 19.98 -10.72 27.38
C ASN C 207 21.07 -10.11 26.51
N ASP C 208 21.90 -10.95 25.91
CA ASP C 208 23.02 -10.46 25.12
C ASP C 208 22.54 -9.67 23.90
N VAL C 209 21.61 -10.24 23.13
CA VAL C 209 21.20 -9.57 21.90
C VAL C 209 20.44 -8.29 22.22
N TYR C 210 19.71 -8.25 23.34
CA TYR C 210 19.06 -7.02 23.76
C TYR C 210 20.09 -5.99 24.20
N GLU C 211 21.12 -6.41 24.93
CA GLU C 211 22.16 -5.48 25.35
C GLU C 211 22.91 -4.89 24.16
N ASP C 212 23.08 -5.68 23.10
CA ASP C 212 23.62 -5.13 21.85
C ASP C 212 22.66 -4.11 21.24
N ALA C 213 21.38 -4.47 21.14
CA ALA C 213 20.41 -3.58 20.52
C ALA C 213 20.32 -2.24 21.25
N LEU C 214 20.50 -2.25 22.57
CA LEU C 214 20.42 -1.03 23.36
C LEU C 214 21.53 -0.04 23.04
N THR C 215 22.57 -0.44 22.30
CA THR C 215 23.66 0.46 21.95
C THR C 215 23.26 1.51 20.92
N THR C 216 22.05 1.43 20.35
CA THR C 216 21.54 2.46 19.46
C THR C 216 20.95 3.66 20.21
N SER C 217 21.10 3.70 21.53
CA SER C 217 20.54 4.79 22.32
C SER C 217 21.36 6.05 22.13
N THR C 218 20.72 7.12 21.67
CA THR C 218 21.34 8.42 21.48
C THR C 218 20.48 9.47 22.18
N ASP C 219 20.94 10.72 22.14
CA ASP C 219 20.14 11.80 22.71
C ASP C 219 18.81 11.94 21.98
N ASP C 220 18.83 11.76 20.66
CA ASP C 220 17.60 11.93 19.87
C ASP C 220 16.75 10.67 19.86
N ALA C 221 17.37 9.49 19.96
CA ALA C 221 16.65 8.21 19.87
C ALA C 221 17.01 7.37 21.08
N PRO C 222 16.47 7.71 22.25
CA PRO C 222 16.85 7.02 23.48
C PRO C 222 16.10 5.72 23.69
N TRP C 223 16.77 4.79 24.36
CA TRP C 223 16.16 3.59 24.91
C TRP C 223 15.79 3.84 26.37
N TYR C 224 14.77 3.13 26.84
CA TYR C 224 14.37 3.15 28.25
C TYR C 224 14.17 1.72 28.72
N VAL C 225 14.81 1.38 29.84
CA VAL C 225 14.61 0.10 30.51
C VAL C 225 13.68 0.36 31.68
N VAL C 226 12.43 -0.06 31.57
CA VAL C 226 11.38 0.27 32.52
C VAL C 226 11.08 -0.97 33.35
N PRO C 227 11.34 -0.94 34.66
CA PRO C 227 10.96 -2.09 35.50
C PRO C 227 9.47 -2.35 35.42
N ALA C 228 9.10 -3.53 34.94
CA ALA C 228 7.72 -3.84 34.61
C ALA C 228 7.15 -5.00 35.44
N ASP C 229 7.85 -5.44 36.49
CA ASP C 229 7.27 -6.44 37.37
C ASP C 229 5.93 -5.98 37.91
N ARG C 230 5.82 -4.69 38.24
CA ARG C 230 4.58 -4.08 38.68
C ARG C 230 3.92 -3.41 37.47
N LYS C 231 2.73 -3.87 37.11
CA LYS C 231 2.07 -3.36 35.91
C LYS C 231 1.70 -1.90 36.07
N TRP C 232 1.25 -1.50 37.27
CA TRP C 232 0.90 -0.11 37.50
C TRP C 232 2.11 0.81 37.37
N TYR C 233 3.29 0.33 37.75
CA TYR C 233 4.49 1.18 37.66
C TYR C 233 4.96 1.27 36.22
N ARG C 234 4.99 0.14 35.50
CA ARG C 234 5.23 0.17 34.06
C ARG C 234 4.35 1.22 33.40
N ASP C 235 3.04 1.16 33.64
CA ASP C 235 2.12 2.11 33.01
C ASP C 235 2.42 3.54 33.46
N LEU C 236 2.80 3.71 34.72
CA LEU C 236 3.08 5.06 35.22
C LEU C 236 4.33 5.64 34.57
N VAL C 237 5.38 4.83 34.44
CA VAL C 237 6.62 5.32 33.84
C VAL C 237 6.40 5.67 32.37
N LEU C 238 5.70 4.80 31.64
CA LEU C 238 5.45 5.06 30.22
C LEU C 238 4.66 6.35 30.03
N SER C 239 3.68 6.59 30.90
CA SER C 239 2.94 7.86 30.85
C SER C 239 3.90 9.04 30.94
N HIS C 240 4.89 8.95 31.83
CA HIS C 240 5.83 10.06 31.99
C HIS C 240 6.72 10.21 30.77
N ILE C 241 7.15 9.09 30.18
CA ILE C 241 8.04 9.15 29.02
C ILE C 241 7.34 9.84 27.86
N LEU C 242 6.10 9.44 27.59
CA LEU C 242 5.39 9.97 26.42
C LEU C 242 4.96 11.41 26.64
N LEU C 243 4.47 11.74 27.84
CA LEU C 243 4.09 13.12 28.10
C LEU C 243 5.31 14.03 28.11
N GLY C 244 6.42 13.56 28.67
CA GLY C 244 7.64 14.35 28.64
C GLY C 244 8.10 14.67 27.23
N ALA C 245 7.97 13.70 26.32
CA ALA C 245 8.28 13.96 24.92
C ALA C 245 7.29 14.95 24.32
N LEU C 246 5.99 14.74 24.54
CA LEU C 246 5.00 15.63 23.96
C LEU C 246 5.18 17.06 24.45
N LYS C 247 5.44 17.25 25.75
CA LYS C 247 5.65 18.60 26.26
C LYS C 247 6.94 19.18 25.69
N ASP C 248 7.95 18.34 25.51
CA ASP C 248 9.23 18.80 24.97
C ASP C 248 9.10 19.16 23.50
N MET C 249 8.27 18.43 22.75
CA MET C 249 7.98 18.78 21.37
C MET C 249 7.23 20.11 21.28
N ASN C 250 6.47 20.47 22.31
CA ASN C 250 5.81 21.76 22.40
C ASN C 250 5.01 22.11 21.14
N PRO C 251 4.02 21.30 20.80
CA PRO C 251 3.20 21.61 19.62
C PRO C 251 2.28 22.80 19.86
N GLN C 252 2.23 23.69 18.85
CA GLN C 252 1.44 24.91 18.92
C GLN C 252 0.27 24.82 17.95
N PHE C 253 -0.87 25.39 18.36
CA PHE C 253 -2.04 25.40 17.50
C PHE C 253 -1.77 26.11 16.18
N PRO C 254 -2.46 25.70 15.12
CA PRO C 254 -2.19 26.27 13.79
C PRO C 254 -2.76 27.68 13.61
N ALA C 255 -2.09 28.45 12.78
CA ALA C 255 -2.55 29.79 12.43
C ALA C 255 -3.78 29.72 11.53
N ILE C 256 -4.47 30.86 11.44
CA ILE C 256 -5.66 31.01 10.61
C ILE C 256 -5.35 32.00 9.50
N ASP C 257 -6.17 31.97 8.45
CA ASP C 257 -6.01 32.83 7.28
C ASP C 257 -7.22 33.72 7.04
N TYR C 258 -7.93 34.09 8.11
CA TYR C 258 -9.12 34.93 7.98
C TYR C 258 -9.25 35.79 9.23
N ASP C 259 -10.14 36.79 9.14
CA ASP C 259 -10.40 37.70 10.25
C ASP C 259 -11.69 37.28 10.93
N PRO C 260 -11.64 36.71 12.14
CA PRO C 260 -12.91 36.29 12.78
C PRO C 260 -13.91 37.41 12.96
N SER C 261 -13.43 38.63 13.25
CA SER C 261 -14.35 39.73 13.51
C SER C 261 -15.19 40.08 12.29
N LYS C 262 -14.75 39.69 11.10
CA LYS C 262 -15.42 40.06 9.85
C LYS C 262 -16.30 38.96 9.28
N VAL C 263 -16.39 37.81 9.94
CA VAL C 263 -17.22 36.71 9.46
C VAL C 263 -18.64 36.89 9.96
N VAL C 264 -19.60 36.80 9.06
CA VAL C 264 -21.01 36.94 9.39
C VAL C 264 -21.68 35.62 9.05
N ILE C 265 -22.03 34.84 10.07
CA ILE C 265 -22.72 33.56 9.86
C ILE C 265 -24.19 33.84 9.64
N HIS C 266 -24.66 33.59 8.42
CA HIS C 266 -26.07 33.70 8.08
C HIS C 266 -26.47 32.47 7.25
N MET D 1 -9.77 -16.02 -40.72
CA MET D 1 -9.80 -16.04 -39.23
C MET D 1 -10.82 -15.07 -38.66
N ASP D 2 -11.84 -15.60 -37.98
CA ASP D 2 -12.77 -14.78 -37.22
C ASP D 2 -12.44 -14.99 -35.74
N ILE D 3 -11.96 -13.93 -35.09
CA ILE D 3 -11.60 -14.00 -33.69
C ILE D 3 -12.84 -14.11 -32.80
N ASP D 4 -13.99 -13.68 -33.30
CA ASP D 4 -15.20 -13.69 -32.49
C ASP D 4 -15.74 -15.09 -32.27
N ASN D 5 -15.31 -16.07 -33.07
CA ASN D 5 -15.70 -17.45 -32.81
C ASN D 5 -15.14 -17.95 -31.49
N TYR D 6 -14.07 -17.31 -30.99
CA TYR D 6 -13.45 -17.68 -29.72
C TYR D 6 -14.04 -16.94 -28.53
N ARG D 7 -15.06 -16.10 -28.74
CA ARG D 7 -15.66 -15.33 -27.66
C ARG D 7 -16.85 -16.10 -27.10
N VAL D 8 -16.86 -16.31 -25.79
CA VAL D 8 -18.00 -16.92 -25.12
C VAL D 8 -19.15 -15.93 -25.21
N LYS D 9 -20.19 -16.29 -25.95
CA LYS D 9 -21.30 -15.38 -26.13
C LYS D 9 -22.10 -15.28 -24.83
N PRO D 10 -22.69 -14.12 -24.55
CA PRO D 10 -23.36 -13.95 -23.26
C PRO D 10 -24.52 -14.92 -23.11
N GLY D 11 -24.66 -15.45 -21.90
CA GLY D 11 -25.82 -16.25 -21.52
C GLY D 11 -25.79 -17.69 -21.96
N LYS D 12 -24.80 -18.11 -22.73
CA LYS D 12 -24.70 -19.49 -23.21
C LYS D 12 -23.62 -20.22 -22.42
N ARG D 13 -23.99 -21.30 -21.75
CA ARG D 13 -23.01 -22.15 -21.10
C ARG D 13 -22.13 -22.81 -22.17
N VAL D 14 -20.94 -23.21 -21.75
CA VAL D 14 -19.96 -23.72 -22.70
C VAL D 14 -19.53 -25.13 -22.32
N LYS D 15 -19.07 -25.87 -23.34
CA LYS D 15 -18.43 -27.16 -23.17
C LYS D 15 -17.02 -27.05 -23.78
N LEU D 16 -16.01 -27.35 -22.96
CA LEU D 16 -14.64 -27.21 -23.46
C LEU D 16 -14.40 -28.17 -24.61
N SER D 17 -15.03 -29.36 -24.57
CA SER D 17 -14.88 -30.31 -25.65
C SER D 17 -15.36 -29.74 -26.99
N ASP D 18 -16.24 -28.74 -26.95
CA ASP D 18 -16.75 -28.14 -28.18
C ASP D 18 -15.81 -27.10 -28.79
N TRP D 19 -14.71 -26.77 -28.11
CA TRP D 19 -13.72 -25.82 -28.61
C TRP D 19 -12.43 -26.53 -28.98
N ALA D 20 -11.86 -26.17 -30.13
CA ALA D 20 -10.60 -26.74 -30.56
C ALA D 20 -9.42 -26.13 -29.81
N THR D 21 -8.37 -26.93 -29.69
CA THR D 21 -7.15 -26.49 -29.02
C THR D 21 -6.01 -26.17 -29.99
N ASN D 22 -6.12 -26.59 -31.25
CA ASN D 22 -5.00 -26.54 -32.19
C ASN D 22 -5.42 -25.93 -33.52
N ASP D 23 -6.26 -24.91 -33.50
CA ASP D 23 -6.56 -24.18 -34.72
C ASP D 23 -5.30 -23.50 -35.27
N ASP D 24 -5.33 -23.20 -36.56
CA ASP D 24 -4.26 -22.44 -37.18
C ASP D 24 -4.77 -21.49 -38.26
N ALA D 25 -6.08 -21.45 -38.51
CA ALA D 25 -6.67 -20.51 -39.45
C ALA D 25 -6.11 -20.69 -40.85
N GLY D 26 -5.64 -21.90 -41.16
CA GLY D 26 -5.08 -22.13 -42.48
C GLY D 26 -3.84 -21.32 -42.74
N LEU D 27 -3.10 -20.99 -41.68
CA LEU D 27 -1.86 -20.22 -41.79
C LEU D 27 -0.69 -21.09 -41.36
N SER D 28 0.45 -20.85 -41.98
CA SER D 28 1.68 -21.51 -41.59
C SER D 28 2.26 -20.87 -40.34
N LYS D 29 3.20 -21.58 -39.71
CA LYS D 29 3.90 -21.03 -38.56
C LYS D 29 4.58 -19.71 -38.94
N GLU D 30 5.09 -19.62 -40.17
CA GLU D 30 5.79 -18.42 -40.60
C GLU D 30 4.81 -17.29 -40.88
N GLU D 31 3.72 -17.58 -41.59
CA GLU D 31 2.72 -16.55 -41.86
C GLU D 31 2.13 -16.00 -40.58
N GLY D 32 1.95 -16.86 -39.58
CA GLY D 32 1.46 -16.39 -38.29
C GLY D 32 2.47 -15.55 -37.55
N GLN D 33 3.68 -16.08 -37.34
CA GLN D 33 4.72 -15.33 -36.66
C GLN D 33 4.99 -14.01 -37.35
N ALA D 34 5.03 -14.01 -38.69
CA ALA D 34 5.27 -12.77 -39.42
C ALA D 34 4.15 -11.77 -39.15
N GLN D 35 2.90 -12.22 -39.19
CA GLN D 35 1.78 -11.33 -38.90
C GLN D 35 1.77 -10.90 -37.45
N THR D 36 2.12 -11.81 -36.53
CA THR D 36 2.22 -11.42 -35.12
C THR D 36 3.24 -10.32 -34.93
N ALA D 37 4.32 -10.35 -35.72
CA ALA D 37 5.34 -9.30 -35.62
C ALA D 37 4.80 -7.98 -36.11
N LYS D 38 4.02 -7.99 -37.19
CA LYS D 38 3.42 -6.74 -37.67
C LYS D 38 2.42 -6.19 -36.65
N LEU D 39 1.70 -7.08 -35.96
CA LEU D 39 0.74 -6.61 -34.96
C LEU D 39 1.45 -6.06 -33.73
N ALA D 40 2.67 -6.54 -33.44
CA ALA D 40 3.42 -6.02 -32.30
C ALA D 40 3.63 -4.52 -32.43
N GLY D 41 3.91 -4.05 -33.65
CA GLY D 41 4.06 -2.62 -33.86
C GLY D 41 2.74 -1.87 -33.74
N GLU D 42 1.66 -2.48 -34.23
CA GLU D 42 0.34 -1.86 -34.11
C GLU D 42 -0.07 -1.73 -32.65
N LEU D 43 0.16 -2.77 -31.86
CA LEU D 43 -0.12 -2.72 -30.44
C LEU D 43 0.59 -1.56 -29.75
N ALA D 44 1.83 -1.26 -30.17
CA ALA D 44 2.59 -0.22 -29.50
C ALA D 44 2.03 1.16 -29.78
N GLU D 45 1.68 1.46 -31.04
CA GLU D 45 1.15 2.78 -31.37
C GLU D 45 -0.10 3.09 -30.57
N TRP D 46 -0.97 2.08 -30.39
CA TRP D 46 -2.23 2.30 -29.70
C TRP D 46 -2.06 2.35 -28.18
N GLN D 47 -1.09 1.63 -27.64
CA GLN D 47 -0.81 1.76 -26.22
C GLN D 47 -0.26 3.14 -25.88
N GLU D 48 0.45 3.78 -26.82
CA GLU D 48 0.92 5.14 -26.60
C GLU D 48 -0.23 6.13 -26.59
N ARG D 49 -1.20 5.96 -27.48
CA ARG D 49 -2.37 6.85 -27.48
C ARG D 49 -3.17 6.68 -26.20
N LEU D 50 -3.28 5.45 -25.70
CA LEU D 50 -3.98 5.20 -24.45
C LEU D 50 -3.34 5.94 -23.28
N TYR D 51 -2.00 5.93 -23.21
CA TYR D 51 -1.32 6.61 -22.12
C TYR D 51 -1.42 8.13 -22.25
N ALA D 52 -1.34 8.64 -23.48
CA ALA D 52 -1.42 10.09 -23.68
C ALA D 52 -2.79 10.63 -23.29
N GLU D 53 -3.85 9.90 -23.62
CA GLU D 53 -5.20 10.41 -23.36
C GLU D 53 -5.49 10.45 -21.86
N GLY D 54 -5.15 9.39 -21.13
CA GLY D 54 -5.33 9.38 -19.70
C GLY D 54 -6.78 9.32 -19.25
N LYS D 55 -7.64 8.65 -20.01
CA LYS D 55 -9.04 8.51 -19.65
C LYS D 55 -9.48 7.07 -19.45
N GLN D 56 -8.89 6.11 -20.17
CA GLN D 56 -9.32 4.72 -20.14
C GLN D 56 -8.17 3.82 -19.71
N SER D 57 -8.48 2.54 -19.57
CA SER D 57 -7.50 1.52 -19.22
C SER D 57 -7.98 0.18 -19.75
N LEU D 58 -7.03 -0.75 -19.90
CA LEU D 58 -7.28 -2.09 -20.41
C LEU D 58 -6.83 -3.10 -19.37
N LEU D 59 -7.70 -4.07 -19.06
CA LEU D 59 -7.39 -5.12 -18.09
C LEU D 59 -7.49 -6.47 -18.78
N LEU D 60 -6.37 -7.15 -18.90
CA LEU D 60 -6.31 -8.50 -19.45
C LEU D 60 -6.24 -9.47 -18.29
N ILE D 61 -7.17 -10.41 -18.24
CA ILE D 61 -7.20 -11.44 -17.21
C ILE D 61 -6.84 -12.75 -17.90
N LEU D 62 -5.68 -13.30 -17.55
CA LEU D 62 -5.16 -14.51 -18.16
C LEU D 62 -5.35 -15.66 -17.18
N GLN D 63 -6.11 -16.67 -17.59
CA GLN D 63 -6.35 -17.88 -16.81
C GLN D 63 -6.02 -19.08 -17.67
N ALA D 64 -5.35 -20.06 -17.08
CA ALA D 64 -4.97 -21.25 -17.82
C ALA D 64 -4.32 -22.23 -16.87
N ARG D 65 -4.14 -23.46 -17.36
CA ARG D 65 -3.52 -24.52 -16.59
C ARG D 65 -2.01 -24.46 -16.74
N ASP D 66 -1.31 -25.36 -16.08
CA ASP D 66 0.14 -25.38 -16.13
C ASP D 66 0.62 -25.67 -17.55
N ALA D 67 1.63 -24.93 -17.99
CA ALA D 67 2.25 -25.09 -19.30
C ALA D 67 1.33 -24.69 -20.44
N ALA D 68 0.34 -23.84 -20.18
CA ALA D 68 -0.59 -23.44 -21.23
C ALA D 68 -0.06 -22.27 -22.06
N GLY D 69 0.79 -21.43 -21.46
CA GLY D 69 1.45 -20.38 -22.20
C GLY D 69 1.22 -18.98 -21.65
N LYS D 70 0.79 -18.88 -20.38
CA LYS D 70 0.61 -17.56 -19.78
C LYS D 70 1.93 -16.79 -19.78
N ASP D 71 2.99 -17.41 -19.27
CA ASP D 71 4.28 -16.72 -19.23
C ASP D 71 4.74 -16.33 -20.63
N GLY D 72 4.52 -17.22 -21.60
CA GLY D 72 4.94 -16.93 -22.97
C GLY D 72 4.08 -15.89 -23.66
N ALA D 73 2.78 -15.88 -23.35
CA ALA D 73 1.89 -14.87 -23.93
C ALA D 73 2.27 -13.47 -23.47
N VAL D 74 2.62 -13.32 -22.19
CA VAL D 74 3.02 -12.02 -21.69
C VAL D 74 4.35 -11.60 -22.30
N LYS D 75 5.33 -12.50 -22.29
CA LYS D 75 6.67 -12.16 -22.79
C LYS D 75 6.65 -11.76 -24.25
N LYS D 76 5.77 -12.37 -25.06
CA LYS D 76 5.73 -12.14 -26.49
C LYS D 76 4.77 -11.02 -26.87
N VAL D 77 3.55 -11.04 -26.33
CA VAL D 77 2.53 -10.09 -26.73
C VAL D 77 2.60 -8.83 -25.87
N ILE D 78 2.50 -9.00 -24.55
CA ILE D 78 2.56 -7.86 -23.65
C ILE D 78 3.91 -7.15 -23.74
N GLY D 79 4.96 -7.87 -24.14
CA GLY D 79 6.25 -7.24 -24.35
C GLY D 79 6.27 -6.22 -25.48
N ALA D 80 5.21 -6.17 -26.29
CA ALA D 80 5.17 -5.20 -27.38
C ALA D 80 4.93 -3.79 -26.87
N PHE D 81 4.25 -3.65 -25.73
CA PHE D 81 3.93 -2.34 -25.18
C PHE D 81 5.16 -1.71 -24.54
N ASN D 82 5.12 -0.38 -24.40
CA ASN D 82 6.11 0.31 -23.58
C ASN D 82 5.93 -0.16 -22.14
N PRO D 83 6.93 -0.80 -21.52
CA PRO D 83 6.75 -1.32 -20.16
C PRO D 83 6.40 -0.25 -19.13
N ALA D 84 6.58 1.03 -19.45
CA ALA D 84 6.21 2.08 -18.51
C ALA D 84 4.70 2.30 -18.44
N GLY D 85 3.95 1.80 -19.42
CA GLY D 85 2.50 1.95 -19.42
C GLY D 85 1.79 0.64 -19.14
N VAL D 86 2.49 -0.27 -18.48
CA VAL D 86 2.01 -1.62 -18.23
C VAL D 86 2.18 -1.94 -16.75
N GLN D 87 1.28 -2.79 -16.24
CA GLN D 87 1.35 -3.26 -14.87
C GLN D 87 0.94 -4.72 -14.86
N ILE D 88 1.85 -5.61 -14.50
CA ILE D 88 1.61 -7.05 -14.50
C ILE D 88 1.60 -7.55 -13.08
N THR D 89 0.64 -8.43 -12.78
CA THR D 89 0.49 -8.99 -11.44
C THR D 89 0.25 -10.48 -11.58
N SER D 90 1.07 -11.28 -10.91
CA SER D 90 0.95 -12.73 -10.94
C SER D 90 0.42 -13.17 -9.58
N PHE D 91 -0.86 -13.53 -9.54
CA PHE D 91 -1.51 -13.89 -8.27
C PHE D 91 -1.20 -15.34 -7.92
N LYS D 92 -0.48 -15.54 -6.82
CA LYS D 92 -0.21 -16.86 -6.28
C LYS D 92 -1.04 -17.05 -4.99
N GLN D 93 -0.64 -18.00 -4.17
CA GLN D 93 -1.42 -18.34 -2.98
C GLN D 93 -1.57 -17.11 -2.08
N PRO D 94 -2.78 -16.82 -1.59
CA PRO D 94 -2.97 -15.62 -0.77
C PRO D 94 -2.12 -15.65 0.49
N SER D 95 -1.57 -14.48 0.84
CA SER D 95 -0.82 -14.35 2.07
C SER D 95 -1.78 -14.32 3.26
N ALA D 96 -1.21 -14.30 4.47
CA ALA D 96 -2.04 -14.25 5.67
C ALA D 96 -2.83 -12.96 5.74
N GLU D 97 -2.19 -11.83 5.43
CA GLU D 97 -2.89 -10.56 5.46
C GLU D 97 -3.99 -10.53 4.41
N GLU D 98 -3.73 -11.13 3.24
CA GLU D 98 -4.75 -11.17 2.20
C GLU D 98 -5.93 -12.04 2.61
N LEU D 99 -5.68 -13.13 3.33
CA LEU D 99 -6.76 -14.01 3.76
C LEU D 99 -7.63 -13.38 4.84
N SER D 100 -7.08 -12.43 5.61
CA SER D 100 -7.86 -11.72 6.61
C SER D 100 -8.82 -10.71 6.01
N HIS D 101 -8.82 -10.56 4.68
CA HIS D 101 -9.74 -9.68 3.98
C HIS D 101 -10.60 -10.51 3.04
N ASP D 102 -11.65 -9.90 2.51
CA ASP D 102 -12.44 -10.57 1.48
C ASP D 102 -11.54 -10.95 0.31
N PHE D 103 -12.05 -11.84 -0.55
CA PHE D 103 -11.19 -12.43 -1.57
C PHE D 103 -10.86 -11.45 -2.70
N LEU D 104 -11.61 -10.36 -2.84
CA LEU D 104 -11.33 -9.36 -3.87
C LEU D 104 -10.49 -8.20 -3.36
N TRP D 105 -10.15 -8.19 -2.06
CA TRP D 105 -9.34 -7.12 -1.51
C TRP D 105 -8.03 -6.98 -2.26
N ARG D 106 -7.24 -8.06 -2.29
CA ARG D 106 -5.95 -8.02 -2.97
C ARG D 106 -6.10 -7.84 -4.48
N ILE D 107 -7.25 -8.24 -5.04
CA ILE D 107 -7.45 -8.08 -6.48
C ILE D 107 -7.67 -6.61 -6.80
N HIS D 108 -8.61 -5.98 -6.09
CA HIS D 108 -8.95 -4.59 -6.38
C HIS D 108 -7.74 -3.68 -6.28
N GLN D 109 -6.82 -3.97 -5.36
CA GLN D 109 -5.65 -3.12 -5.18
C GLN D 109 -4.83 -3.01 -6.46
N LYS D 110 -4.87 -4.02 -7.32
CA LYS D 110 -4.05 -4.05 -8.53
C LYS D 110 -4.82 -3.65 -9.78
N ALA D 111 -6.01 -3.10 -9.63
CA ALA D 111 -6.77 -2.64 -10.79
C ALA D 111 -5.98 -1.54 -11.50
N PRO D 112 -5.98 -1.52 -12.83
CA PRO D 112 -5.12 -0.56 -13.54
C PRO D 112 -5.60 0.87 -13.40
N ALA D 113 -4.64 1.79 -13.40
CA ALA D 113 -4.95 3.21 -13.37
C ALA D 113 -5.22 3.72 -14.77
N LYS D 114 -5.89 4.88 -14.85
CA LYS D 114 -6.18 5.47 -16.14
C LYS D 114 -4.91 5.59 -16.96
N GLY D 115 -5.00 5.20 -18.23
CA GLY D 115 -3.88 5.26 -19.15
C GLY D 115 -3.03 4.02 -19.23
N TYR D 116 -3.25 3.03 -18.37
CA TYR D 116 -2.40 1.86 -18.25
C TYR D 116 -3.05 0.62 -18.83
N VAL D 117 -2.19 -0.35 -19.15
CA VAL D 117 -2.60 -1.70 -19.51
C VAL D 117 -2.29 -2.60 -18.33
N GLY D 118 -3.31 -3.30 -17.84
CA GLY D 118 -3.17 -4.18 -16.69
C GLY D 118 -3.31 -5.64 -17.10
N VAL D 119 -2.51 -6.50 -16.47
CA VAL D 119 -2.52 -7.92 -16.75
C VAL D 119 -2.60 -8.67 -15.43
N PHE D 120 -3.49 -9.65 -15.35
CA PHE D 120 -3.60 -10.54 -14.20
C PHE D 120 -3.19 -11.93 -14.68
N ASN D 121 -1.97 -12.33 -14.40
CA ASN D 121 -1.53 -13.70 -14.64
C ASN D 121 -2.08 -14.54 -13.49
N ARG D 122 -3.19 -15.24 -13.75
CA ARG D 122 -4.10 -15.72 -12.71
C ARG D 122 -4.76 -14.49 -12.08
N SER D 123 -6.01 -14.62 -11.64
CA SER D 123 -6.78 -13.44 -11.25
C SER D 123 -7.76 -13.85 -10.15
N GLN D 124 -8.84 -13.06 -10.00
CA GLN D 124 -9.84 -13.35 -8.98
C GLN D 124 -10.54 -14.68 -9.22
N TYR D 125 -10.46 -15.21 -10.45
CA TYR D 125 -11.14 -16.47 -10.74
C TYR D 125 -10.48 -17.65 -10.05
N GLU D 126 -9.21 -17.52 -9.64
CA GLU D 126 -8.60 -18.55 -8.83
C GLU D 126 -9.45 -18.87 -7.60
N ASP D 127 -10.16 -17.87 -7.08
CA ASP D 127 -10.95 -18.06 -5.86
C ASP D 127 -12.18 -18.92 -6.09
N VAL D 128 -12.50 -19.26 -7.34
CA VAL D 128 -13.61 -20.18 -7.64
C VAL D 128 -13.11 -21.29 -8.56
N LEU D 129 -11.81 -21.55 -8.53
CA LEU D 129 -11.24 -22.64 -9.33
C LEU D 129 -10.53 -23.65 -8.42
N VAL D 130 -9.23 -23.45 -8.18
CA VAL D 130 -8.50 -24.37 -7.32
C VAL D 130 -9.16 -24.46 -5.95
N THR D 131 -9.78 -23.38 -5.48
CA THR D 131 -10.43 -23.41 -4.18
C THR D 131 -11.59 -24.40 -4.14
N ARG D 132 -12.18 -24.71 -5.30
CA ARG D 132 -13.28 -25.67 -5.37
C ARG D 132 -12.79 -27.10 -5.59
N VAL D 133 -11.83 -27.28 -6.51
CA VAL D 133 -11.35 -28.61 -6.84
C VAL D 133 -10.88 -29.33 -5.58
N TYR D 134 -10.31 -28.57 -4.64
CA TYR D 134 -9.77 -29.11 -3.40
C TYR D 134 -10.59 -28.69 -2.19
N ASP D 135 -11.86 -28.34 -2.41
CA ASP D 135 -12.85 -28.22 -1.34
C ASP D 135 -12.42 -27.24 -0.26
N MET D 136 -11.79 -26.14 -0.66
CA MET D 136 -11.59 -25.05 0.27
C MET D 136 -12.89 -24.28 0.50
N ILE D 137 -13.78 -24.30 -0.49
CA ILE D 137 -15.12 -23.72 -0.39
C ILE D 137 -16.09 -24.73 -0.99
N ASP D 138 -17.38 -24.51 -0.73
CA ASP D 138 -18.42 -25.38 -1.24
C ASP D 138 -19.14 -24.72 -2.42
N ASP D 139 -20.09 -25.43 -3.01
CA ASP D 139 -20.80 -24.91 -4.17
C ASP D 139 -21.56 -23.63 -3.84
N LYS D 140 -22.15 -23.57 -2.64
CA LYS D 140 -22.86 -22.36 -2.25
C LYS D 140 -21.93 -21.16 -2.24
N THR D 141 -20.78 -21.30 -1.58
CA THR D 141 -19.81 -20.20 -1.54
C THR D 141 -19.32 -19.84 -2.93
N ALA D 142 -19.01 -20.86 -3.74
CA ALA D 142 -18.49 -20.61 -5.09
C ALA D 142 -19.48 -19.79 -5.91
N LYS D 143 -20.75 -20.16 -5.86
CA LYS D 143 -21.77 -19.45 -6.66
C LYS D 143 -21.83 -17.98 -6.27
N ARG D 144 -21.84 -17.69 -4.97
CA ARG D 144 -21.91 -16.31 -4.52
C ARG D 144 -20.67 -15.54 -4.94
N ARG D 145 -19.49 -16.16 -4.85
CA ARG D 145 -18.27 -15.47 -5.27
C ARG D 145 -18.32 -15.08 -6.75
N LEU D 146 -18.92 -15.92 -7.59
CA LEU D 146 -19.06 -15.57 -9.00
C LEU D 146 -19.96 -14.35 -9.17
N GLU D 147 -20.99 -14.24 -8.35
CA GLU D 147 -21.82 -13.04 -8.38
C GLU D 147 -21.02 -11.82 -7.94
N HIS D 148 -20.18 -11.99 -6.91
CA HIS D 148 -19.34 -10.90 -6.46
C HIS D 148 -18.31 -10.51 -7.52
N ILE D 149 -17.86 -11.47 -8.32
CA ILE D 149 -16.89 -11.15 -9.37
C ILE D 149 -17.55 -10.33 -10.48
N ARG D 150 -18.73 -10.75 -10.93
CA ARG D 150 -19.44 -10.00 -11.95
C ARG D 150 -19.58 -8.53 -11.55
N HIS D 151 -20.11 -8.28 -10.35
CA HIS D 151 -20.28 -6.91 -9.89
C HIS D 151 -18.96 -6.17 -9.87
N PHE D 152 -17.88 -6.84 -9.46
CA PHE D 152 -16.58 -6.20 -9.44
C PHE D 152 -16.16 -5.78 -10.84
N GLU D 153 -16.37 -6.67 -11.83
CA GLU D 153 -16.05 -6.31 -13.21
C GLU D 153 -17.01 -5.25 -13.74
N GLU D 154 -18.23 -5.21 -13.22
CA GLU D 154 -19.16 -4.15 -13.60
C GLU D 154 -18.71 -2.81 -13.03
N LEU D 155 -18.14 -2.81 -11.84
CA LEU D 155 -17.60 -1.57 -11.27
C LEU D 155 -16.51 -1.00 -12.16
N LEU D 156 -15.53 -1.83 -12.52
CA LEU D 156 -14.40 -1.35 -13.30
C LEU D 156 -14.82 -0.93 -14.71
N THR D 157 -15.86 -1.57 -15.26
CA THR D 157 -16.35 -1.20 -16.58
C THR D 157 -16.89 0.23 -16.59
N ASP D 158 -17.71 0.57 -15.60
CA ASP D 158 -18.19 1.94 -15.49
C ASP D 158 -17.07 2.93 -15.19
N ASN D 159 -15.89 2.46 -14.80
CA ASN D 159 -14.73 3.32 -14.59
C ASN D 159 -13.88 3.46 -15.85
N ALA D 160 -14.38 2.97 -16.99
CA ALA D 160 -13.67 3.00 -18.26
C ALA D 160 -12.56 1.96 -18.37
N THR D 161 -12.57 0.93 -17.53
CA THR D 161 -11.60 -0.15 -17.63
C THR D 161 -12.17 -1.24 -18.52
N ARG D 162 -11.59 -1.40 -19.71
CA ARG D 162 -12.05 -2.41 -20.66
C ARG D 162 -11.52 -3.77 -20.23
N ILE D 163 -12.42 -4.69 -19.91
CA ILE D 163 -12.05 -6.01 -19.38
C ILE D 163 -12.05 -7.03 -20.51
N VAL D 164 -11.02 -7.87 -20.52
CA VAL D 164 -10.86 -8.94 -21.51
C VAL D 164 -10.30 -10.15 -20.76
N LYS D 165 -11.06 -11.24 -20.73
CA LYS D 165 -10.69 -12.45 -20.03
C LYS D 165 -10.35 -13.52 -21.06
N VAL D 166 -9.18 -14.14 -20.92
CA VAL D 166 -8.67 -15.10 -21.89
C VAL D 166 -8.31 -16.39 -21.17
N TYR D 167 -8.77 -17.51 -21.71
CA TYR D 167 -8.42 -18.84 -21.22
C TYR D 167 -7.64 -19.55 -22.32
N LEU D 168 -6.39 -19.90 -22.03
CA LEU D 168 -5.57 -20.62 -22.99
C LEU D 168 -5.90 -22.10 -22.89
N HIS D 169 -6.38 -22.67 -23.99
CA HIS D 169 -7.02 -23.98 -24.02
C HIS D 169 -6.12 -24.94 -24.78
N ILE D 170 -5.53 -25.89 -24.06
CA ILE D 170 -4.67 -26.91 -24.66
C ILE D 170 -5.21 -28.29 -24.29
N SER D 171 -4.75 -29.27 -25.06
CA SER D 171 -5.15 -30.66 -24.83
C SER D 171 -4.29 -31.30 -23.76
N PRO D 172 -4.76 -32.39 -23.16
CA PRO D 172 -3.90 -33.11 -22.19
C PRO D 172 -2.63 -33.65 -22.82
N GLU D 173 -2.67 -34.07 -24.08
CA GLU D 173 -1.48 -34.60 -24.73
C GLU D 173 -0.45 -33.51 -24.97
N GLU D 174 -0.91 -32.31 -25.36
CA GLU D 174 0.02 -31.19 -25.53
C GLU D 174 0.70 -30.85 -24.20
N GLN D 175 -0.07 -30.81 -23.11
CA GLN D 175 0.52 -30.57 -21.80
C GLN D 175 1.55 -31.64 -21.46
N LYS D 176 1.25 -32.90 -21.79
CA LYS D 176 2.19 -33.98 -21.50
C LYS D 176 3.53 -33.73 -22.17
N GLU D 177 3.52 -33.34 -23.45
CA GLU D 177 4.77 -33.05 -24.15
C GLU D 177 5.51 -31.91 -23.49
N ARG D 178 4.80 -30.82 -23.18
CA ARG D 178 5.45 -29.65 -22.60
C ARG D 178 6.03 -29.95 -21.23
N LEU D 179 5.31 -30.72 -20.41
CA LEU D 179 5.84 -31.09 -19.11
C LEU D 179 7.06 -31.99 -19.26
N GLN D 180 6.97 -32.97 -20.16
CA GLN D 180 8.14 -33.82 -20.42
C GLN D 180 9.29 -32.99 -20.96
N ALA D 181 9.00 -31.91 -21.70
CA ALA D 181 10.06 -31.05 -22.22
C ALA D 181 10.81 -30.35 -21.10
N ARG D 182 10.11 -29.88 -20.07
CA ARG D 182 10.80 -29.24 -18.95
C ARG D 182 11.68 -30.23 -18.21
N LEU D 183 11.27 -31.49 -18.14
CA LEU D 183 12.06 -32.52 -17.49
C LEU D 183 13.27 -32.93 -18.30
N ASP D 184 13.27 -32.68 -19.61
CA ASP D 184 14.34 -33.12 -20.50
C ASP D 184 15.39 -32.05 -20.74
N ASN D 185 15.02 -30.76 -20.66
CA ASN D 185 15.95 -29.67 -20.95
C ASN D 185 16.50 -29.10 -19.65
N PRO D 186 17.81 -29.17 -19.42
CA PRO D 186 18.36 -28.62 -18.17
C PRO D 186 18.01 -27.16 -17.91
N GLY D 187 17.87 -26.34 -18.95
CA GLY D 187 17.63 -24.92 -18.74
C GLY D 187 16.25 -24.58 -18.18
N LYS D 188 15.28 -25.48 -18.28
CA LYS D 188 13.93 -25.22 -17.81
C LYS D 188 13.49 -26.12 -16.67
N HIS D 189 14.39 -26.91 -16.08
CA HIS D 189 14.02 -27.74 -14.95
C HIS D 189 13.32 -26.96 -13.86
N TRP D 190 13.65 -25.67 -13.70
CA TRP D 190 13.14 -24.88 -12.60
C TRP D 190 11.66 -24.52 -12.75
N LYS D 191 11.10 -24.61 -13.96
CA LYS D 191 9.68 -24.32 -14.18
C LYS D 191 8.77 -25.52 -13.91
N PHE D 192 9.33 -26.65 -13.48
CA PHE D 192 8.56 -27.86 -13.24
C PHE D 192 8.65 -28.19 -11.75
N ASN D 193 7.53 -28.64 -11.18
CA ASN D 193 7.52 -29.01 -9.77
C ASN D 193 6.60 -30.20 -9.55
N PRO D 194 6.87 -31.04 -8.55
CA PRO D 194 5.93 -32.11 -8.19
C PRO D 194 4.66 -31.51 -7.59
N GLY D 195 3.72 -31.13 -8.45
CA GLY D 195 2.46 -30.56 -8.01
C GLY D 195 1.68 -30.10 -9.23
N ASP D 196 2.41 -29.75 -10.30
CA ASP D 196 1.78 -29.60 -11.59
C ASP D 196 1.06 -30.87 -12.00
N LEU D 197 1.46 -32.01 -11.42
CA LEU D 197 0.86 -33.30 -11.74
C LEU D 197 -0.39 -33.56 -10.92
N LYS D 198 -0.56 -32.87 -9.79
CA LYS D 198 -1.78 -33.02 -9.00
C LYS D 198 -2.96 -32.40 -9.73
N ASP D 199 -2.82 -31.13 -10.14
CA ASP D 199 -3.86 -30.47 -10.92
C ASP D 199 -4.17 -31.26 -12.19
N ARG D 200 -3.15 -31.90 -12.77
CA ARG D 200 -3.39 -32.71 -13.96
C ARG D 200 -4.31 -33.88 -13.64
N SER D 201 -4.10 -34.55 -12.50
CA SER D 201 -4.94 -35.67 -12.12
C SER D 201 -6.39 -35.25 -11.89
N ASN D 202 -6.64 -33.96 -11.69
CA ASN D 202 -7.99 -33.41 -11.55
C ASN D 202 -8.38 -32.60 -12.77
N TRP D 203 -7.90 -33.02 -13.95
CA TRP D 203 -8.20 -32.30 -15.20
C TRP D 203 -9.70 -32.13 -15.39
N ASP D 204 -10.46 -33.21 -15.24
CA ASP D 204 -11.89 -33.13 -15.51
C ASP D 204 -12.61 -32.23 -14.50
N LYS D 205 -12.15 -32.18 -13.26
CA LYS D 205 -12.75 -31.26 -12.30
C LYS D 205 -12.50 -29.81 -12.69
N PHE D 206 -11.30 -29.51 -13.19
CA PHE D 206 -11.02 -28.15 -13.64
C PHE D 206 -11.87 -27.77 -14.83
N ASN D 207 -12.21 -28.73 -15.69
CA ASN D 207 -13.17 -28.46 -16.77
C ASN D 207 -14.47 -27.89 -16.20
N ASP D 208 -15.02 -28.55 -15.18
CA ASP D 208 -16.30 -28.12 -14.62
C ASP D 208 -16.21 -26.72 -14.04
N VAL D 209 -15.22 -26.48 -13.18
CA VAL D 209 -15.15 -25.19 -12.51
C VAL D 209 -14.78 -24.10 -13.50
N TYR D 210 -13.98 -24.42 -14.52
CA TYR D 210 -13.67 -23.43 -15.54
C TYR D 210 -14.91 -23.09 -16.36
N GLU D 211 -15.71 -24.11 -16.69
CA GLU D 211 -16.95 -23.86 -17.42
C GLU D 211 -17.94 -23.04 -16.60
N ASP D 212 -17.92 -23.22 -15.27
CA ASP D 212 -18.72 -22.34 -14.41
C ASP D 212 -18.21 -20.91 -14.48
N ALA D 213 -16.89 -20.72 -14.34
CA ALA D 213 -16.33 -19.38 -14.36
C ALA D 213 -16.62 -18.66 -15.66
N LEU D 214 -16.64 -19.38 -16.78
CA LEU D 214 -16.89 -18.77 -18.08
C LEU D 214 -18.30 -18.19 -18.19
N THR D 215 -19.20 -18.49 -17.26
CA THR D 215 -20.55 -17.94 -17.34
C THR D 215 -20.58 -16.45 -17.01
N THR D 216 -19.45 -15.87 -16.59
CA THR D 216 -19.33 -14.44 -16.39
C THR D 216 -19.09 -13.68 -17.69
N SER D 217 -19.13 -14.36 -18.82
CA SER D 217 -18.86 -13.71 -20.10
C SER D 217 -20.04 -12.85 -20.50
N THR D 218 -19.79 -11.55 -20.68
CA THR D 218 -20.81 -10.59 -21.10
C THR D 218 -20.26 -9.79 -22.27
N ASP D 219 -21.09 -8.89 -22.80
CA ASP D 219 -20.63 -8.01 -23.87
C ASP D 219 -19.52 -7.08 -23.37
N ASP D 220 -19.63 -6.62 -22.12
CA ASP D 220 -18.64 -5.69 -21.58
C ASP D 220 -17.42 -6.41 -21.00
N ALA D 221 -17.60 -7.63 -20.51
CA ALA D 221 -16.52 -8.40 -19.90
C ALA D 221 -16.50 -9.78 -20.54
N PRO D 222 -16.02 -9.89 -21.77
CA PRO D 222 -16.09 -11.17 -22.48
C PRO D 222 -14.95 -12.10 -22.11
N TRP D 223 -15.25 -13.39 -22.17
CA TRP D 223 -14.26 -14.45 -22.12
C TRP D 223 -13.88 -14.86 -23.54
N TYR D 224 -12.66 -15.34 -23.71
CA TYR D 224 -12.18 -15.88 -24.98
C TYR D 224 -11.51 -17.23 -24.72
N VAL D 225 -11.93 -18.24 -25.48
CA VAL D 225 -11.30 -19.56 -25.44
C VAL D 225 -10.36 -19.65 -26.63
N VAL D 226 -9.07 -19.61 -26.36
CA VAL D 226 -8.03 -19.47 -27.38
C VAL D 226 -7.35 -20.82 -27.58
N PRO D 227 -7.46 -21.43 -28.75
CA PRO D 227 -6.70 -22.67 -29.02
C PRO D 227 -5.21 -22.40 -28.86
N ALA D 228 -4.59 -23.09 -27.92
CA ALA D 228 -3.22 -22.79 -27.53
C ALA D 228 -2.25 -23.94 -27.74
N ASP D 229 -2.66 -25.01 -28.42
CA ASP D 229 -1.72 -26.08 -28.74
C ASP D 229 -0.53 -25.55 -29.53
N ARG D 230 -0.78 -24.62 -30.46
CA ARG D 230 0.26 -23.97 -31.24
C ARG D 230 0.60 -22.62 -30.59
N LYS D 231 1.84 -22.47 -30.16
CA LYS D 231 2.23 -21.26 -29.44
C LYS D 231 2.17 -20.03 -30.34
N TRP D 232 2.58 -20.17 -31.61
CA TRP D 232 2.52 -19.03 -32.51
C TRP D 232 1.08 -18.57 -32.72
N TYR D 233 0.13 -19.51 -32.69
CA TYR D 233 -1.28 -19.17 -32.89
C TYR D 233 -1.85 -18.52 -31.63
N ARG D 234 -1.52 -19.07 -30.47
CA ARG D 234 -1.85 -18.42 -29.20
C ARG D 234 -1.46 -16.94 -29.23
N ASP D 235 -0.20 -16.65 -29.57
CA ASP D 235 0.26 -15.26 -29.59
C ASP D 235 -0.50 -14.45 -30.63
N LEU D 236 -0.82 -15.07 -31.77
CA LEU D 236 -1.49 -14.34 -32.85
C LEU D 236 -2.90 -13.95 -32.47
N VAL D 237 -3.65 -14.85 -31.85
CA VAL D 237 -5.02 -14.54 -31.47
C VAL D 237 -5.04 -13.49 -30.37
N LEU D 238 -4.19 -13.64 -29.36
CA LEU D 238 -4.13 -12.66 -28.28
C LEU D 238 -3.72 -11.30 -28.82
N SER D 239 -2.80 -11.26 -29.78
CA SER D 239 -2.47 -10.01 -30.44
C SER D 239 -3.71 -9.36 -31.04
N HIS D 240 -4.58 -10.17 -31.67
CA HIS D 240 -5.80 -9.64 -32.27
C HIS D 240 -6.79 -9.19 -31.20
N ILE D 241 -6.90 -9.97 -30.12
CA ILE D 241 -7.86 -9.64 -29.06
C ILE D 241 -7.53 -8.30 -28.43
N LEU D 242 -6.25 -8.08 -28.11
CA LEU D 242 -5.87 -6.87 -27.39
C LEU D 242 -5.88 -5.65 -28.31
N LEU D 243 -5.42 -5.80 -29.55
CA LEU D 243 -5.44 -4.68 -30.48
C LEU D 243 -6.86 -4.30 -30.88
N GLY D 244 -7.71 -5.31 -31.10
CA GLY D 244 -9.11 -5.02 -31.39
C GLY D 244 -9.80 -4.28 -30.26
N ALA D 245 -9.48 -4.64 -29.02
CA ALA D 245 -9.99 -3.91 -27.88
C ALA D 245 -9.47 -2.48 -27.86
N LEU D 246 -8.16 -2.32 -28.07
CA LEU D 246 -7.56 -0.99 -28.06
C LEU D 246 -8.15 -0.10 -29.16
N LYS D 247 -8.39 -0.65 -30.34
CA LYS D 247 -8.93 0.14 -31.44
C LYS D 247 -10.37 0.57 -31.15
N ASP D 248 -11.16 -0.29 -30.52
CA ASP D 248 -12.53 0.09 -30.18
C ASP D 248 -12.55 1.15 -29.08
N MET D 249 -11.59 1.13 -28.17
CA MET D 249 -11.49 2.17 -27.16
C MET D 249 -11.21 3.53 -27.79
N ASN D 250 -10.50 3.55 -28.92
CA ASN D 250 -10.30 4.77 -29.70
C ASN D 250 -9.79 5.92 -28.84
N PRO D 251 -8.65 5.77 -28.18
CA PRO D 251 -8.11 6.87 -27.37
C PRO D 251 -7.58 8.00 -28.24
N GLN D 252 -7.90 9.22 -27.86
CA GLN D 252 -7.49 10.42 -28.58
C GLN D 252 -6.44 11.17 -27.77
N PHE D 253 -5.47 11.75 -28.48
CA PHE D 253 -4.46 12.54 -27.81
C PHE D 253 -5.10 13.72 -27.06
N PRO D 254 -4.49 14.15 -25.96
CA PRO D 254 -5.10 15.16 -25.09
C PRO D 254 -5.05 16.56 -25.69
N ALA D 255 -6.02 17.38 -25.28
CA ALA D 255 -6.03 18.77 -25.68
C ALA D 255 -4.92 19.54 -24.98
N ILE D 256 -4.59 20.70 -25.53
CA ILE D 256 -3.55 21.56 -24.98
C ILE D 256 -4.21 22.84 -24.48
N ASP D 257 -3.49 23.54 -23.59
CA ASP D 257 -3.98 24.76 -22.97
C ASP D 257 -3.09 25.96 -23.28
N TYR D 258 -2.44 25.94 -24.44
CA TYR D 258 -1.56 27.03 -24.83
C TYR D 258 -1.60 27.15 -26.35
N ASP D 259 -1.08 28.27 -26.85
CA ASP D 259 -1.03 28.52 -28.28
C ASP D 259 0.38 28.25 -28.77
N PRO D 260 0.63 27.16 -29.50
CA PRO D 260 2.01 26.89 -29.94
C PRO D 260 2.61 28.00 -30.78
N SER D 261 1.79 28.67 -31.61
CA SER D 261 2.33 29.66 -32.53
C SER D 261 2.95 30.84 -31.80
N LYS D 262 2.51 31.13 -30.57
CA LYS D 262 2.94 32.30 -29.85
C LYS D 262 4.03 32.01 -28.81
N VAL D 263 4.55 30.80 -28.77
CA VAL D 263 5.59 30.42 -27.83
C VAL D 263 6.95 30.79 -28.41
N VAL D 264 7.77 31.47 -27.62
CA VAL D 264 9.11 31.88 -28.01
C VAL D 264 10.08 31.18 -27.08
N ILE D 265 10.81 30.21 -27.60
CA ILE D 265 11.81 29.48 -26.82
C ILE D 265 13.07 30.33 -26.77
N HIS D 266 13.38 30.87 -25.60
CA HIS D 266 14.55 31.72 -25.41
C HIS D 266 15.84 30.92 -25.40
PB ADP E . 7.75 13.73 -16.54
O1B ADP E . 8.78 12.97 -15.73
O2B ADP E . 6.72 12.87 -17.23
O3B ADP E . 8.32 14.82 -17.41
PA ADP E . 6.23 15.94 -15.53
O1A ADP E . 4.76 15.83 -15.18
O2A ADP E . 6.64 16.56 -16.84
O3A ADP E . 6.88 14.47 -15.39
O5' ADP E . 6.98 16.72 -14.33
C5' ADP E . 7.00 16.18 -13.01
C4' ADP E . 7.47 17.27 -12.04
O4' ADP E . 7.43 16.79 -10.68
C3' ADP E . 8.90 17.73 -12.32
O3' ADP E . 8.91 19.12 -12.64
C2' ADP E . 9.65 17.49 -11.03
O2' ADP E . 10.53 18.56 -10.70
C1' ADP E . 8.56 17.33 -9.98
N9 ADP E . 9.04 16.46 -8.89
C8 ADP E . 9.34 15.16 -8.97
N7 ADP E . 9.77 14.69 -7.76
C5 ADP E . 9.75 15.72 -6.90
C6 ADP E . 10.06 15.93 -5.48
N6 ADP E . 10.51 14.90 -4.70
N1 ADP E . 9.89 17.17 -4.96
C2 ADP E . 9.46 18.20 -5.71
N3 ADP E . 9.15 18.08 -7.01
C4 ADP E . 9.27 16.89 -7.64
H5'1 ADP E . 7.68 15.33 -12.97
H5'2 ADP E . 6.00 15.84 -12.73
H4' ADP E . 6.77 18.10 -12.19
H3' ADP E . 9.33 17.19 -13.18
H2' ADP E . 10.32 16.62 -11.10
HO2' ADP E . 11.44 18.33 -10.96
H1' ADP E . 8.28 18.27 -9.51
H8 ADP E . 9.26 14.56 -9.87
HN61 ADP E . 10.63 13.99 -5.09
HN62 ADP E . 10.72 15.07 -3.73
H2 ADP E . 9.35 19.16 -5.23
PB ADP F . 12.11 12.98 -21.14
O1B ADP F . 11.10 12.38 -20.17
O2B ADP F . 13.52 13.11 -20.59
O3B ADP F . 11.58 14.22 -21.83
PA ADP F . 11.63 12.20 -23.75
O1A ADP F . 10.13 12.28 -23.63
O2A ADP F . 12.41 13.37 -24.28
O3A ADP F . 12.25 11.88 -22.30
O5' ADP F . 12.03 10.93 -24.65
C5' ADP F . 12.48 11.14 -25.99
C4' ADP F . 12.08 10.00 -26.89
O4' ADP F . 10.76 10.21 -27.44
C3' ADP F . 13.04 9.86 -28.07
O3' ADP F . 13.99 8.85 -27.82
C2' ADP F . 12.14 9.57 -29.27
O2' ADP F . 12.00 8.18 -29.50
C1' ADP F . 10.77 10.12 -28.88
N9 ADP F . 10.48 11.48 -29.40
C8 ADP F . 9.89 12.46 -28.68
N7 ADP F . 9.74 13.59 -29.42
C5 ADP F . 10.24 13.33 -30.64
C6 ADP F . 10.38 14.09 -31.90
N6 ADP F . 9.97 15.38 -31.99
N1 ADP F . 10.95 13.47 -32.96
C2 ADP F . 11.37 12.18 -32.89
N3 ADP F . 11.26 11.44 -31.77
C4 ADP F . 10.71 11.94 -30.63
H5'1 ADP F . 12.06 12.08 -26.37
H5'2 ADP F . 13.57 11.23 -25.99
H4' ADP F . 12.08 9.09 -26.28
H3' ADP F . 13.64 10.76 -28.25
HO3' ADP F . 14.65 8.83 -28.53
H2' ADP F . 12.56 10.02 -30.17
HO2' ADP F . 12.87 7.75 -29.44
H1' ADP F . 10.02 9.44 -29.31
H8 ADP F . 9.58 12.36 -27.65
HN61 ADP F . 10.07 15.89 -32.85
HN62 ADP F . 9.55 15.82 -31.19
H2 ADP F . 11.81 11.73 -33.77
PB ADP G . -13.74 18.15 8.63
O1B ADP G . -12.91 16.92 8.89
O2B ADP G . -13.11 19.45 9.08
O3B ADP G . -15.20 18.02 8.99
PA ADP G . -12.38 18.50 6.20
O1A ADP G . -11.50 17.29 6.39
O2A ADP G . -11.86 19.88 6.49
O3A ADP G . -13.74 18.26 7.02
O5' ADP G . -12.98 18.50 4.70
C5' ADP G . -12.73 17.42 3.80
C4' ADP G . -13.55 17.64 2.54
O4' ADP G . -13.28 16.62 1.58
C3' ADP G . -15.06 17.62 2.80
O3' ADP G . -15.63 18.92 2.58
C2' ADP G . -15.63 16.62 1.81
O2' ADP G . -16.79 17.13 1.14
C1' ADP G . -14.48 16.34 0.85
N9 ADP G . -14.55 14.95 0.34
C8 ADP G . -14.50 13.83 1.07
N7 ADP G . -14.61 12.74 0.28
C5 ADP G . -14.74 13.16 -0.98
C6 ADP G . -14.91 12.52 -2.31
N6 ADP G . -14.95 11.18 -2.42
N1 ADP G . -15.01 13.33 -3.38
C2 ADP G . -14.96 14.67 -3.27
N3 ADP G . -14.82 15.32 -2.10
C4 ADP G . -14.71 14.62 -0.95
H5'1 ADP G . -13.02 16.47 4.27
H5'2 ADP G . -11.67 17.37 3.56
H4' ADP G . -13.25 18.64 2.17
H3' ADP G . -15.28 17.35 3.84
H2' ADP G . -16.01 15.71 2.30
HO2' ADP G . -17.51 17.24 1.78
H1' ADP G . -14.53 16.98 -0.04
H8 ADP G . -14.38 13.80 2.16
HN61 ADP G . -14.87 10.59 -1.60
HN62 ADP G . -15.05 10.75 -3.33
H2 ADP G . -15.06 15.27 -4.17
C1 GOL H . -16.73 19.23 13.01
O1 GOL H . -17.00 19.30 11.63
C2 GOL H . -17.57 18.05 13.57
O2 GOL H . -17.25 16.83 12.99
C3 GOL H . -17.30 18.07 15.10
O3 GOL H . -16.72 16.85 15.42
H11 GOL H . -16.96 20.04 13.47
H12 GOL H . -15.79 19.08 13.19
HO1 GOL H . -16.24 19.34 11.23
H2 GOL H . -18.51 18.18 13.39
HO2 GOL H . -16.49 16.59 13.29
H31 GOL H . -18.13 18.23 15.57
H32 GOL H . -16.73 18.82 15.31
HO3 GOL H . -16.70 16.79 16.27
C1 GOL I . -16.77 20.23 20.14
O1 GOL I . -15.79 19.67 19.31
C2 GOL I . -16.34 21.69 20.45
O2 GOL I . -15.24 21.75 21.29
C3 GOL I . -16.05 22.34 19.07
O3 GOL I . -15.72 23.67 19.30
H11 GOL I . -16.86 19.75 20.97
H12 GOL I . -17.64 20.24 19.73
HO1 GOL I . -16.20 19.17 18.75
H2 GOL I . -17.05 22.17 20.91
HO2 GOL I . -14.55 21.82 20.79
H31 GOL I . -16.84 22.24 18.50
H32 GOL I . -15.36 21.84 18.62
PB ADP J . 2.44 -10.79 20.73
O1B ADP J . 1.42 -11.87 21.01
O2B ADP J . 3.49 -10.66 21.80
O3B ADP J . 1.85 -9.48 20.24
PA ADP J . 2.98 -12.74 18.74
O1A ADP J . 2.56 -13.76 19.77
O2A ADP J . 2.08 -12.46 17.56
O3A ADP J . 3.27 -11.32 19.45
O5' ADP J . 4.47 -13.11 18.24
C5' ADP J . 4.95 -12.72 16.95
C4' ADP J . 6.28 -13.41 16.69
O4' ADP J . 6.88 -12.94 15.48
C3' ADP J . 7.29 -13.18 17.82
O3' ADP J . 7.63 -14.42 18.45
C2' ADP J . 8.53 -12.60 17.15
O2' ADP J . 9.71 -13.20 17.68
C1' ADP J . 8.31 -12.88 15.66
N9 ADP J . 8.95 -11.86 14.81
C8 ADP J . 8.66 -10.54 14.78
N7 ADP J . 9.45 -9.90 13.88
C5 ADP J . 10.27 -10.82 13.32
C6 ADP J . 11.35 -10.82 12.32
N6 ADP J . 11.73 -9.67 11.70
N1 ADP J . 11.94 -11.99 12.02
C2 ADP J . 11.58 -13.14 12.63
N3 ADP J . 10.61 -13.21 13.55
C4 ADP J . 9.93 -12.11 13.94
H5'1 ADP J . 5.09 -11.63 16.92
H5'2 ADP J . 4.23 -12.98 16.18
H4' ADP J . 6.04 -14.49 16.61
H3' ADP J . 6.87 -12.52 18.59
H2' ADP J . 8.67 -11.53 17.34
HO2' ADP J . 9.80 -12.97 18.61
H1' ADP J . 8.78 -13.83 15.37
H8 ADP J . 7.91 -10.06 15.39
HN61 ADP J . 11.27 -8.79 11.92
HN62 ADP J . 12.45 -9.69 11.00
H2 ADP J . 12.10 -14.05 12.35
PB ADP K . 3.14 -9.07 25.44
O1B ADP K . 2.81 -10.55 25.51
O2B ADP K . 4.36 -8.66 26.23
O3B ADP K . 3.07 -8.48 24.05
PA ADP K . 1.43 -9.03 27.57
O1A ADP K . 0.71 -10.32 27.23
O2A ADP K . 2.63 -9.08 28.49
O3A ADP K . 1.93 -8.35 26.21
O5' ADP K . 0.36 -8.01 28.22
C5' ADP K . -0.95 -8.45 28.58
C4' ADP K . -1.55 -7.40 29.49
O4' ADP K . -2.90 -7.65 29.91
C3' ADP K . -0.76 -7.25 30.79
O3' ADP K . 0.41 -6.45 30.65
C2' ADP K . -1.76 -6.62 31.75
O2' ADP K . -1.66 -5.20 31.77
C1' ADP K . -3.11 -7.08 31.20
N9 ADP K . -3.59 -8.11 32.15
C8 ADP K . -4.13 -7.89 33.35
N7 ADP K . -4.43 -9.06 33.97
C5 ADP K . -4.06 -10.06 33.13
C6 ADP K . -4.09 -11.54 33.15
N6 ADP K . -4.59 -12.21 34.21
N1 ADP K . -3.60 -12.20 32.07
C2 ADP K . -3.10 -11.54 31.00
N3 ADP K . -3.04 -10.21 30.93
C4 ADP K . -3.50 -9.43 31.94
H5'1 ADP K . -0.91 -9.41 29.10
H5'2 ADP K . -1.57 -8.58 27.69
H4' ADP K . -1.51 -6.49 28.87
H3' ADP K . -0.36 -8.22 31.15
HO3' ADP K . 1.08 -6.75 31.28
H2' ADP K . -1.62 -6.92 32.79
HO2' ADP K . -1.00 -4.95 32.44
H1' ADP K . -3.85 -6.27 31.11
H8 ADP K . -4.32 -6.91 33.79
HN61 ADP K . -4.96 -11.71 35.01
HN62 ADP K . -4.61 -13.22 34.21
H2 ADP K . -2.72 -12.13 30.16
PB ADP L . 3.45 -21.93 -12.61
O1B ADP L . 3.91 -23.37 -12.75
O2B ADP L . 4.56 -20.97 -12.26
O3B ADP L . 2.54 -21.46 -13.72
PA ADP L . 2.54 -20.79 -10.17
O1A ADP L . 3.81 -20.86 -9.36
O2A ADP L . 2.12 -19.50 -10.83
O3A ADP L . 2.51 -21.94 -11.30
O5' ADP L . 1.33 -21.28 -9.23
C5' ADP L . 0.62 -20.39 -8.39
C4' ADP L . -0.38 -21.18 -7.56
O4' ADP L . -1.13 -20.32 -6.69
C3' ADP L . -1.38 -21.96 -8.42
O3' ADP L . -1.28 -23.35 -8.15
C2' ADP L . -2.75 -21.43 -8.01
O2' ADP L . -3.74 -22.46 -7.96
C1' ADP L . -2.48 -20.80 -6.64
N9 ADP L . -3.47 -19.76 -6.35
C8 ADP L . -3.64 -18.59 -7.01
N7 ADP L . -4.65 -17.88 -6.47
C5 ADP L . -5.16 -18.58 -5.44
C6 ADP L . -6.24 -18.41 -4.46
N6 ADP L . -7.00 -17.29 -4.46
N1 ADP L . -6.43 -19.39 -3.55
C2 ADP L . -5.68 -20.51 -3.53
N3 ADP L . -4.68 -20.74 -4.41
C4 ADP L . -4.38 -19.82 -5.37
H5'1 ADP L . 0.10 -19.64 -8.99
H5'2 ADP L . 1.31 -19.85 -7.73
H4' ADP L . 0.23 -21.89 -6.96
H3' ADP L . -1.18 -21.81 -9.49
HO3' ADP L . -1.92 -23.83 -8.70
H2' ADP L . -3.17 -20.73 -8.74
HO2' ADP L . -3.97 -22.73 -8.86
H1' ADP L . -2.59 -21.53 -5.83
H8 ADP L . -3.04 -18.28 -7.86
HN61 ADP L . -7.74 -17.18 -3.78
HN62 ADP L . -6.85 -16.57 -5.14
H2 ADP L . -5.89 -21.27 -2.79
P PO4 M . 2.59 -21.17 -17.90
O1 PO4 M . 2.92 -22.31 -16.96
O2 PO4 M . 3.61 -21.11 -19.02
O3 PO4 M . 2.62 -19.88 -17.12
O4 PO4 M . 1.22 -21.37 -18.47
MG MG N . 5.00 -24.13 -11.17
#